data_1I8M
#
_entry.id   1I8M
#
_cell.length_a   171.840
_cell.length_b   171.840
_cell.length_c   144.568
_cell.angle_alpha   90.00
_cell.angle_beta   90.00
_cell.angle_gamma   120.00
#
_symmetry.space_group_name_H-M   'P 65 2 2'
#
loop_
_entity.id
_entity.type
_entity.pdbx_description
1 polymer "5'-D(*TP*TP*TP*TP*T)-3'"
2 polymer "5'-D(P*TP*T)-3'"
3 polymer 'ANTIBODY LIGHT CHAIN FAB'
4 polymer 'ANTIBODY HEAVY CHAIN FAB'
5 non-polymer 'SULFATE ION'
6 water water
#
loop_
_entity_poly.entity_id
_entity_poly.type
_entity_poly.pdbx_seq_one_letter_code
_entity_poly.pdbx_strand_id
1 'polydeoxyribonucleotide' (DT)(DT)(DT)(DT)(DT) T
2 'polydeoxyribonucleotide' (DT)(DT) D
3 'polypeptide(L)'
;ELQMTQSPASLSASVGETVTITCRASENIYSYLAWYQQKQGKSPQLLVYNAKTLAEGVPSRFSGSGSGTQFSLKINSLQP
EDFGSYYCQHHYGTPLTFGAGTKLELKRADAAPTVSIFPPSSEQLTSGGASVVCFLNNFYPKDINVKWKIDGSERQNGVL
NSWTDQDSKDSTYSMSSTLTLTKDEYERHNSYTCEATHKTSTSPIVKSFNRNEC
;
L,A
4 'polypeptide(L)'
;QVKLLESGPELVKPGASVKMSCKASGYTFTSYVMHWVKQKPGQGLEWIGYINPYNDGTKYNEKFKGKATLTSDKSSSTAY
MELSSLTSEDSAVYYCVRGGYRPYYAMDYWGQGTSVTVSSAKTTPPSVYPLAPGSAAQTNSMVTLGCLVKGYFPEPVTVT
WNSGSLSSGVHTFPAVLQSDLYTLSSSVTVPSSTWPSETVTCNVAHPASSTKVDKKIVPRDCTS
;
H,B
#
loop_
_chem_comp.id
_chem_comp.type
_chem_comp.name
_chem_comp.formula
DT DNA linking THYMIDINE-5'-MONOPHOSPHATE 'C10 H15 N2 O8 P'
SO4 non-polymer 'SULFATE ION' 'O4 S -2'
#
# COMPACT_ATOMS: atom_id res chain seq x y z
N GLU C 1 6.64 -29.23 12.92
CA GLU C 1 6.27 -27.86 12.48
C GLU C 1 6.50 -27.71 10.98
N LEU C 2 6.06 -26.57 10.44
CA LEU C 2 6.21 -26.28 9.03
C LEU C 2 7.69 -25.93 8.76
N GLN C 3 8.25 -26.45 7.67
CA GLN C 3 9.64 -26.21 7.32
C GLN C 3 9.85 -25.59 5.93
N MET C 4 10.66 -24.54 5.86
CA MET C 4 10.93 -23.87 4.58
C MET C 4 12.28 -24.33 4.05
N THR C 5 12.40 -24.40 2.72
CA THR C 5 13.63 -24.82 2.06
C THR C 5 14.01 -23.83 0.98
N GLN C 6 15.16 -23.20 1.15
CA GLN C 6 15.64 -22.22 0.19
C GLN C 6 16.74 -22.75 -0.67
N SER C 7 16.78 -22.28 -1.91
CA SER C 7 17.81 -22.68 -2.85
C SER C 7 18.11 -21.52 -3.77
N PRO C 8 19.40 -21.31 -4.11
CA PRO C 8 20.51 -22.14 -3.63
C PRO C 8 20.98 -21.57 -2.31
N ALA C 9 21.92 -22.26 -1.66
CA ALA C 9 22.43 -21.76 -0.39
C ALA C 9 23.27 -20.52 -0.64
N SER C 10 23.94 -20.51 -1.78
CA SER C 10 24.81 -19.40 -2.16
C SER C 10 24.74 -19.26 -3.66
N LEU C 11 24.86 -18.02 -4.13
CA LEU C 11 24.82 -17.74 -5.56
C LEU C 11 25.74 -16.55 -5.85
N SER C 12 26.42 -16.58 -7.00
CA SER C 12 27.29 -15.49 -7.40
C SER C 12 26.66 -14.90 -8.65
N ALA C 13 26.64 -13.59 -8.74
CA ALA C 13 26.05 -12.94 -9.90
C ALA C 13 26.68 -11.59 -10.15
N SER C 14 26.47 -11.07 -11.35
CA SER C 14 27.01 -9.79 -11.73
C SER C 14 25.91 -8.74 -11.69
N VAL C 15 26.33 -7.48 -11.52
CA VAL C 15 25.40 -6.37 -11.52
C VAL C 15 24.79 -6.31 -12.92
N GLY C 16 23.47 -6.13 -12.99
CA GLY C 16 22.83 -6.09 -14.30
C GLY C 16 22.32 -7.45 -14.72
N GLU C 17 22.73 -8.49 -13.99
CA GLU C 17 22.29 -9.84 -14.29
C GLU C 17 20.96 -10.12 -13.61
N THR C 18 20.22 -11.08 -14.13
CA THR C 18 18.92 -11.43 -13.55
C THR C 18 19.01 -12.81 -12.94
N VAL C 19 18.55 -12.95 -11.70
CA VAL C 19 18.62 -14.23 -11.04
C VAL C 19 17.31 -14.53 -10.35
N THR C 20 17.18 -15.77 -9.90
CA THR C 20 15.99 -16.22 -9.22
C THR C 20 16.36 -17.18 -8.12
N ILE C 21 15.82 -16.97 -6.92
CA ILE C 21 16.09 -17.89 -5.85
C ILE C 21 14.75 -18.46 -5.44
N THR C 22 14.79 -19.63 -4.82
CA THR C 22 13.57 -20.31 -4.46
C THR C 22 13.42 -20.69 -3.01
N CYS C 23 12.16 -20.94 -2.65
CA CYS C 23 11.80 -21.33 -1.30
C CYS C 23 10.70 -22.37 -1.41
N ARG C 24 10.80 -23.43 -0.62
CA ARG C 24 9.78 -24.47 -0.66
C ARG C 24 9.19 -24.71 0.70
N ALA C 25 7.87 -24.75 0.77
CA ALA C 25 7.16 -25.01 2.02
C ALA C 25 6.89 -26.51 2.10
N SER C 26 7.09 -27.09 3.28
CA SER C 26 6.85 -28.50 3.47
C SER C 26 5.35 -28.77 3.35
N GLU C 27 4.55 -27.77 3.68
CA GLU C 27 3.09 -27.87 3.62
C GLU C 27 2.55 -26.64 2.87
N ASN C 28 1.35 -26.77 2.32
CA ASN C 28 0.72 -25.69 1.58
C ASN C 28 0.57 -24.47 2.51
N ILE C 29 0.89 -23.30 1.98
CA ILE C 29 0.79 -22.05 2.74
C ILE C 29 0.13 -21.00 1.86
N TYR C 30 -0.37 -21.45 0.71
CA TYR C 30 -1.02 -20.57 -0.23
C TYR C 30 -0.04 -19.54 -0.72
N SER C 31 -0.40 -18.26 -0.62
CA SER C 31 0.48 -17.18 -1.05
C SER C 31 1.03 -16.37 0.13
N TYR C 32 0.93 -16.93 1.32
CA TYR C 32 1.40 -16.23 2.51
C TYR C 32 2.89 -16.43 2.72
N LEU C 33 3.68 -15.95 1.77
CA LEU C 33 5.13 -16.07 1.82
C LEU C 33 5.83 -14.72 1.76
N ALA C 34 6.68 -14.44 2.74
CA ALA C 34 7.42 -13.17 2.77
C ALA C 34 8.91 -13.37 2.51
N TRP C 35 9.55 -12.34 1.96
CA TRP C 35 10.99 -12.38 1.73
C TRP C 35 11.62 -11.20 2.48
N TYR C 36 12.76 -11.45 3.11
CA TYR C 36 13.51 -10.44 3.84
C TYR C 36 14.92 -10.35 3.29
N GLN C 37 15.45 -9.15 3.27
CA GLN C 37 16.78 -8.91 2.81
C GLN C 37 17.61 -8.51 4.03
N GLN C 38 18.80 -9.09 4.17
CA GLN C 38 19.65 -8.70 5.28
C GLN C 38 21.06 -8.45 4.75
N LYS C 39 21.50 -7.22 4.96
CA LYS C 39 22.82 -6.76 4.54
C LYS C 39 23.81 -7.13 5.60
N GLN C 40 25.06 -7.31 5.20
CA GLN C 40 26.06 -7.69 6.18
C GLN C 40 26.04 -6.69 7.34
N GLY C 41 25.97 -7.22 8.56
CA GLY C 41 25.96 -6.39 9.77
C GLY C 41 24.75 -5.49 10.00
N LYS C 42 23.70 -5.65 9.20
CA LYS C 42 22.49 -4.84 9.33
C LYS C 42 21.32 -5.73 9.80
N SER C 43 20.20 -5.10 10.15
CA SER C 43 19.01 -5.85 10.55
C SER C 43 18.23 -6.20 9.26
N PRO C 44 17.44 -7.29 9.27
CA PRO C 44 16.69 -7.65 8.07
C PRO C 44 15.68 -6.56 7.71
N GLN C 45 15.31 -6.52 6.43
CA GLN C 45 14.32 -5.58 5.96
C GLN C 45 13.28 -6.41 5.16
N LEU C 46 12.00 -6.07 5.30
CA LEU C 46 10.93 -6.76 4.57
C LEU C 46 10.94 -6.35 3.10
N LEU C 47 10.91 -7.32 2.19
CA LEU C 47 10.92 -6.97 0.78
C LEU C 47 9.60 -7.29 0.11
N VAL C 48 9.04 -8.44 0.46
CA VAL C 48 7.81 -8.92 -0.16
C VAL C 48 6.95 -9.65 0.86
N TYR C 49 5.64 -9.62 0.66
CA TYR C 49 4.72 -10.36 1.52
C TYR C 49 3.59 -10.83 0.58
N ASN C 50 2.84 -11.85 0.98
CA ASN C 50 1.80 -12.42 0.14
C ASN C 50 2.44 -12.90 -1.17
N ALA C 51 3.68 -13.38 -1.04
CA ALA C 51 4.44 -13.93 -2.15
C ALA C 51 4.74 -13.04 -3.33
N LYS C 52 3.87 -12.06 -3.59
CA LYS C 52 4.11 -11.21 -4.72
C LYS C 52 3.93 -9.75 -4.43
N THR C 53 3.56 -9.38 -3.22
CA THR C 53 3.38 -7.97 -2.92
C THR C 53 4.66 -7.29 -2.39
N LEU C 54 5.17 -6.31 -3.14
CA LEU C 54 6.37 -5.58 -2.74
C LEU C 54 6.09 -4.57 -1.62
N ALA C 55 6.92 -4.63 -0.58
CA ALA C 55 6.78 -3.72 0.56
C ALA C 55 7.04 -2.31 0.06
N GLU C 56 6.60 -1.32 0.82
CA GLU C 56 6.80 0.08 0.44
C GLU C 56 8.29 0.37 0.24
N GLY C 57 8.61 1.16 -0.78
CA GLY C 57 10.00 1.53 -1.02
C GLY C 57 10.84 0.54 -1.81
N VAL C 58 10.40 -0.71 -1.87
CA VAL C 58 11.14 -1.75 -2.60
C VAL C 58 11.08 -1.52 -4.11
N PRO C 59 12.24 -1.47 -4.79
CA PRO C 59 12.25 -1.25 -6.23
C PRO C 59 11.47 -2.32 -7.00
N SER C 60 10.92 -1.94 -8.15
CA SER C 60 10.16 -2.87 -8.97
C SER C 60 10.98 -3.95 -9.65
N ARG C 61 12.31 -3.85 -9.67
CA ARG C 61 13.08 -4.91 -10.30
C ARG C 61 12.95 -6.20 -9.49
N PHE C 62 12.42 -6.08 -8.26
CA PHE C 62 12.21 -7.25 -7.41
C PHE C 62 10.86 -7.85 -7.78
N SER C 63 10.80 -9.17 -7.89
CA SER C 63 9.58 -9.84 -8.30
C SER C 63 9.39 -11.22 -7.67
N GLY C 64 8.40 -11.35 -6.80
CA GLY C 64 8.14 -12.63 -6.17
C GLY C 64 6.95 -13.36 -6.79
N SER C 65 6.92 -14.67 -6.71
CA SER C 65 5.82 -15.41 -7.29
C SER C 65 5.69 -16.77 -6.67
N GLY C 66 4.67 -17.50 -7.11
CA GLY C 66 4.40 -18.83 -6.61
C GLY C 66 3.27 -18.84 -5.61
N SER C 67 2.84 -20.03 -5.23
CA SER C 67 1.78 -20.22 -4.25
C SER C 67 1.71 -21.70 -3.91
N GLY C 68 1.21 -22.01 -2.71
CA GLY C 68 1.14 -23.39 -2.31
C GLY C 68 2.35 -23.88 -1.54
N THR C 69 3.34 -24.42 -2.26
CA THR C 69 4.55 -24.94 -1.62
C THR C 69 5.83 -24.53 -2.33
N GLN C 70 5.71 -23.99 -3.55
CA GLN C 70 6.88 -23.58 -4.30
C GLN C 70 6.88 -22.09 -4.62
N PHE C 71 7.92 -21.38 -4.19
CA PHE C 71 8.00 -19.93 -4.43
C PHE C 71 9.33 -19.48 -5.00
N SER C 72 9.32 -18.35 -5.68
CA SER C 72 10.54 -17.83 -6.25
C SER C 72 10.61 -16.31 -6.08
N LEU C 73 11.82 -15.78 -5.95
CA LEU C 73 12.00 -14.35 -5.84
C LEU C 73 12.96 -14.08 -6.99
N LYS C 74 12.55 -13.21 -7.89
CA LYS C 74 13.36 -12.88 -9.03
C LYS C 74 13.78 -11.43 -8.91
N ILE C 75 15.04 -11.17 -9.27
CA ILE C 75 15.57 -9.83 -9.21
C ILE C 75 16.07 -9.52 -10.61
N ASN C 76 15.40 -8.56 -11.25
CA ASN C 76 15.78 -8.20 -12.59
C ASN C 76 16.89 -7.17 -12.62
N SER C 77 17.93 -7.46 -13.39
CA SER C 77 19.05 -6.55 -13.53
C SER C 77 19.52 -6.11 -12.14
N LEU C 78 20.23 -7.00 -11.46
CA LEU C 78 20.76 -6.76 -10.11
C LEU C 78 21.57 -5.49 -10.01
N GLN C 79 21.41 -4.78 -8.89
CA GLN C 79 22.16 -3.56 -8.65
C GLN C 79 23.10 -3.80 -7.46
N PRO C 80 24.13 -2.95 -7.30
CA PRO C 80 25.06 -3.12 -6.19
C PRO C 80 24.37 -3.34 -4.85
N GLU C 81 23.33 -2.56 -4.59
CA GLU C 81 22.64 -2.67 -3.30
C GLU C 81 21.87 -3.95 -3.05
N ASP C 82 21.78 -4.82 -4.04
CA ASP C 82 21.00 -6.06 -3.90
C ASP C 82 21.74 -7.24 -3.31
N PHE C 83 23.06 -7.16 -3.28
CA PHE C 83 23.79 -8.30 -2.74
C PHE C 83 23.71 -8.36 -1.23
N GLY C 84 23.67 -9.58 -0.71
CA GLY C 84 23.56 -9.79 0.71
C GLY C 84 22.75 -11.06 0.88
N SER C 85 22.15 -11.25 2.05
CA SER C 85 21.37 -12.45 2.26
C SER C 85 19.86 -12.24 2.12
N TYR C 86 19.20 -13.33 1.74
CA TYR C 86 17.75 -13.35 1.55
C TYR C 86 17.12 -14.52 2.29
N TYR C 87 16.07 -14.25 3.06
CA TYR C 87 15.35 -15.28 3.81
C TYR C 87 13.87 -15.27 3.45
N CYS C 88 13.28 -16.44 3.23
CA CYS C 88 11.84 -16.48 3.00
C CYS C 88 11.30 -16.87 4.36
N GLN C 89 10.03 -16.56 4.57
CA GLN C 89 9.37 -16.85 5.83
C GLN C 89 7.89 -16.84 5.50
N HIS C 90 7.18 -17.88 5.93
CA HIS C 90 5.75 -17.98 5.66
C HIS C 90 5.05 -17.21 6.77
N HIS C 91 3.92 -16.58 6.45
CA HIS C 91 3.16 -15.86 7.47
C HIS C 91 1.73 -16.38 7.42
N TYR C 92 1.64 -17.70 7.54
CA TYR C 92 0.38 -18.43 7.53
C TYR C 92 0.18 -18.97 8.94
N GLY C 93 -0.19 -18.10 9.87
CA GLY C 93 -0.37 -18.52 11.23
C GLY C 93 0.96 -18.85 11.87
N THR C 94 0.92 -19.14 13.16
CA THR C 94 2.12 -19.48 13.91
C THR C 94 2.25 -20.99 14.03
N PRO C 95 3.46 -21.51 14.29
CA PRO C 95 4.68 -20.72 14.47
C PRO C 95 5.27 -20.25 13.14
N LEU C 96 5.87 -19.08 13.13
CA LEU C 96 6.49 -18.60 11.91
C LEU C 96 7.81 -19.36 11.75
N THR C 97 8.19 -19.67 10.53
CA THR C 97 9.47 -20.33 10.31
C THR C 97 10.15 -19.70 9.10
N PHE C 98 11.48 -19.65 9.14
CA PHE C 98 12.28 -19.04 8.07
C PHE C 98 13.04 -20.05 7.26
N GLY C 99 13.36 -19.68 6.02
CA GLY C 99 14.20 -20.55 5.21
C GLY C 99 15.60 -20.38 5.81
N ALA C 100 16.58 -21.18 5.36
CA ALA C 100 17.92 -21.05 5.93
C ALA C 100 18.67 -19.89 5.28
N GLY C 101 18.08 -19.32 4.24
CA GLY C 101 18.69 -18.19 3.57
C GLY C 101 19.50 -18.49 2.34
N THR C 102 19.66 -17.45 1.51
CA THR C 102 20.45 -17.52 0.29
C THR C 102 21.39 -16.34 0.39
N LYS C 103 22.68 -16.61 0.26
CA LYS C 103 23.67 -15.56 0.32
C LYS C 103 24.00 -15.22 -1.12
N LEU C 104 23.70 -13.98 -1.53
CA LEU C 104 23.92 -13.55 -2.91
C LEU C 104 25.15 -12.66 -3.00
N GLU C 105 26.23 -13.20 -3.55
CA GLU C 105 27.47 -12.44 -3.66
C GLU C 105 27.81 -11.97 -5.05
N LEU C 106 28.65 -10.94 -5.12
CA LEU C 106 29.07 -10.38 -6.39
C LEU C 106 30.14 -11.23 -7.06
N LYS C 107 30.00 -11.41 -8.36
CA LYS C 107 30.97 -12.17 -9.13
C LYS C 107 31.96 -11.16 -9.71
N ARG C 108 33.24 -11.53 -9.73
CA ARG C 108 34.27 -10.68 -10.32
C ARG C 108 35.33 -11.63 -10.88
N ALA C 109 36.34 -11.11 -11.56
CA ALA C 109 37.39 -11.98 -12.10
C ALA C 109 38.28 -12.46 -10.96
N ASP C 110 38.91 -13.63 -11.14
CA ASP C 110 39.80 -14.21 -10.14
C ASP C 110 40.91 -13.25 -9.83
N ALA C 111 41.37 -13.23 -8.58
CA ALA C 111 42.44 -12.31 -8.21
C ALA C 111 43.29 -12.91 -7.09
N ALA C 112 44.61 -12.89 -7.27
CA ALA C 112 45.54 -13.42 -6.29
C ALA C 112 45.66 -12.51 -5.06
N PRO C 113 45.87 -13.11 -3.89
CA PRO C 113 45.99 -12.29 -2.70
C PRO C 113 47.27 -11.48 -2.64
N THR C 114 47.19 -10.32 -2.00
CA THR C 114 48.36 -9.49 -1.74
C THR C 114 48.69 -9.97 -0.31
N VAL C 115 49.80 -10.70 -0.16
CA VAL C 115 50.21 -11.30 1.11
C VAL C 115 51.30 -10.51 1.84
N SER C 116 51.08 -10.26 3.12
CA SER C 116 52.04 -9.53 3.96
C SER C 116 52.27 -10.36 5.21
N ILE C 117 53.53 -10.49 5.62
CA ILE C 117 53.80 -11.24 6.83
C ILE C 117 54.42 -10.31 7.87
N PHE C 118 54.11 -10.53 9.16
CA PHE C 118 54.64 -9.71 10.24
C PHE C 118 55.17 -10.53 11.40
N PRO C 119 56.40 -10.26 11.83
CA PRO C 119 56.95 -11.02 12.96
C PRO C 119 56.36 -10.48 14.25
N PRO C 120 56.50 -11.24 15.33
CA PRO C 120 55.99 -10.84 16.65
C PRO C 120 56.54 -9.44 16.94
N SER C 121 55.78 -8.63 17.65
CA SER C 121 56.26 -7.30 18.01
C SER C 121 57.17 -7.44 19.24
N SER C 122 58.19 -6.58 19.33
CA SER C 122 59.06 -6.62 20.49
C SER C 122 58.18 -6.49 21.72
N GLU C 123 57.14 -5.67 21.64
CA GLU C 123 56.24 -5.50 22.79
C GLU C 123 55.76 -6.83 23.32
N GLN C 124 55.13 -7.60 22.44
CA GLN C 124 54.57 -8.88 22.79
C GLN C 124 55.62 -9.85 23.30
N LEU C 125 56.78 -9.85 22.66
CA LEU C 125 57.85 -10.74 23.07
C LEU C 125 58.17 -10.51 24.55
N THR C 126 58.07 -9.26 25.02
CA THR C 126 58.35 -8.99 26.43
C THR C 126 57.29 -9.64 27.35
N SER C 127 56.12 -10.00 26.83
CA SER C 127 55.12 -10.65 27.70
C SER C 127 55.20 -12.18 27.68
N GLY C 128 56.13 -12.74 26.91
CA GLY C 128 56.24 -14.18 26.86
C GLY C 128 55.54 -14.84 25.68
N GLY C 129 54.83 -14.03 24.89
CA GLY C 129 54.12 -14.57 23.74
C GLY C 129 54.74 -14.13 22.42
N ALA C 130 54.40 -14.83 21.36
CA ALA C 130 54.92 -14.53 20.04
C ALA C 130 53.90 -14.90 18.96
N SER C 131 53.25 -13.88 18.42
CA SER C 131 52.27 -14.10 17.38
C SER C 131 52.87 -13.66 16.07
N VAL C 132 52.72 -14.51 15.05
CA VAL C 132 53.22 -14.18 13.73
C VAL C 132 51.96 -13.97 12.88
N VAL C 133 51.86 -12.83 12.21
CA VAL C 133 50.67 -12.53 11.43
C VAL C 133 50.87 -12.44 9.93
N CYS C 134 49.89 -12.94 9.21
CA CYS C 134 49.92 -12.92 7.77
C CYS C 134 48.56 -12.42 7.25
N PHE C 135 48.57 -11.38 6.41
CA PHE C 135 47.35 -10.89 5.81
C PHE C 135 47.36 -11.35 4.34
N LEU C 136 46.26 -11.94 3.89
CA LEU C 136 46.07 -12.40 2.50
C LEU C 136 44.89 -11.50 2.08
N ASN C 137 45.24 -10.38 1.45
CA ASN C 137 44.25 -9.36 1.14
C ASN C 137 43.74 -9.23 -0.30
N ASN C 138 42.46 -8.91 -0.42
CA ASN C 138 41.80 -8.65 -1.69
C ASN C 138 42.00 -9.68 -2.78
N PHE C 139 41.55 -10.90 -2.50
CA PHE C 139 41.64 -12.00 -3.45
C PHE C 139 40.23 -12.48 -3.84
N TYR C 140 40.18 -13.34 -4.86
CA TYR C 140 38.92 -13.88 -5.36
C TYR C 140 39.23 -15.10 -6.22
N PRO C 141 38.48 -16.21 -6.06
CA PRO C 141 37.34 -16.42 -5.16
C PRO C 141 37.72 -16.52 -3.68
N LYS C 142 36.70 -16.66 -2.84
CA LYS C 142 36.88 -16.71 -1.39
C LYS C 142 37.66 -17.92 -0.86
N ASP C 143 37.58 -19.02 -1.59
CA ASP C 143 38.25 -20.26 -1.21
C ASP C 143 39.78 -20.11 -1.26
N ILE C 144 40.44 -20.38 -0.15
CA ILE C 144 41.89 -20.26 -0.09
C ILE C 144 42.44 -21.14 1.04
N ASN C 145 43.67 -21.61 0.87
CA ASN C 145 44.34 -22.45 1.86
C ASN C 145 45.61 -21.80 2.40
N VAL C 146 45.72 -21.64 3.71
CA VAL C 146 46.94 -21.05 4.25
C VAL C 146 47.70 -22.07 5.08
N LYS C 147 49.01 -22.05 5.01
CA LYS C 147 49.81 -22.97 5.79
C LYS C 147 50.98 -22.26 6.39
N TRP C 148 51.30 -22.62 7.63
CA TRP C 148 52.45 -22.04 8.31
C TRP C 148 53.53 -23.09 8.41
N LYS C 149 54.76 -22.72 8.08
CA LYS C 149 55.88 -23.63 8.16
C LYS C 149 56.94 -22.97 8.98
N ILE C 150 57.55 -23.74 9.88
CA ILE C 150 58.61 -23.23 10.73
C ILE C 150 59.84 -24.08 10.40
N ASP C 151 60.90 -23.45 9.94
CA ASP C 151 62.09 -24.19 9.54
C ASP C 151 61.70 -25.38 8.68
N GLY C 152 60.69 -25.19 7.82
CA GLY C 152 60.27 -26.26 6.93
C GLY C 152 59.14 -27.19 7.34
N SER C 153 58.91 -27.34 8.64
CA SER C 153 57.84 -28.23 9.07
C SER C 153 56.55 -27.44 9.24
N GLU C 154 55.43 -28.01 8.79
CA GLU C 154 54.17 -27.32 8.92
C GLU C 154 53.71 -27.29 10.37
N ARG C 155 53.18 -26.14 10.79
CA ARG C 155 52.67 -26.00 12.15
C ARG C 155 51.17 -25.88 12.09
N GLN C 156 50.49 -26.79 12.77
CA GLN C 156 49.05 -26.79 12.75
C GLN C 156 48.42 -26.20 14.02
N ASN C 157 49.12 -26.33 15.15
CA ASN C 157 48.60 -25.79 16.41
C ASN C 157 48.73 -24.27 16.52
N GLY C 158 47.82 -23.66 17.27
CA GLY C 158 47.86 -22.22 17.50
C GLY C 158 47.67 -21.30 16.30
N VAL C 159 46.97 -21.77 15.27
CA VAL C 159 46.73 -20.94 14.10
C VAL C 159 45.30 -20.43 14.18
N LEU C 160 45.12 -19.12 14.04
CA LEU C 160 43.80 -18.51 14.08
C LEU C 160 43.55 -17.82 12.76
N ASN C 161 42.49 -18.24 12.07
CA ASN C 161 42.15 -17.71 10.78
C ASN C 161 40.83 -16.95 10.83
N SER C 162 40.75 -15.84 10.10
CA SER C 162 39.53 -15.07 10.05
C SER C 162 39.41 -14.42 8.66
N TRP C 163 38.21 -14.52 8.09
CA TRP C 163 37.87 -14.00 6.76
C TRP C 163 36.92 -12.81 6.85
N THR C 164 37.11 -11.84 5.97
CA THR C 164 36.21 -10.70 5.96
C THR C 164 35.08 -11.07 5.00
N ASP C 165 33.99 -10.31 5.07
CA ASP C 165 32.87 -10.51 4.18
C ASP C 165 33.34 -9.82 2.90
N GLN C 166 32.67 -10.11 1.80
CA GLN C 166 33.03 -9.52 0.52
C GLN C 166 33.10 -8.00 0.56
N ASP C 167 34.17 -7.46 0.00
CA ASP C 167 34.38 -6.02 -0.06
C ASP C 167 33.35 -5.46 -1.02
N SER C 168 32.63 -4.43 -0.59
CA SER C 168 31.60 -3.85 -1.44
C SER C 168 32.18 -2.91 -2.48
N LYS C 169 33.46 -2.62 -2.41
CA LYS C 169 34.02 -1.74 -3.42
C LYS C 169 34.67 -2.49 -4.58
N ASP C 170 35.27 -3.64 -4.29
CA ASP C 170 35.95 -4.37 -5.34
C ASP C 170 35.61 -5.84 -5.43
N SER C 171 34.62 -6.25 -4.66
CA SER C 171 34.13 -7.64 -4.65
C SER C 171 35.11 -8.72 -4.21
N THR C 172 36.21 -8.34 -3.56
CA THR C 172 37.20 -9.32 -3.09
C THR C 172 36.96 -9.74 -1.64
N TYR C 173 37.76 -10.70 -1.18
CA TYR C 173 37.74 -11.22 0.17
C TYR C 173 39.13 -11.06 0.74
N SER C 174 39.23 -10.96 2.07
CA SER C 174 40.54 -10.86 2.68
C SER C 174 40.56 -11.87 3.82
N MET C 175 41.75 -12.25 4.23
CA MET C 175 41.88 -13.23 5.30
C MET C 175 43.09 -12.90 6.13
N SER C 176 42.98 -13.17 7.43
CA SER C 176 44.07 -12.94 8.34
C SER C 176 44.39 -14.28 9.03
N SER C 177 45.66 -14.66 9.10
CA SER C 177 46.02 -15.90 9.77
C SER C 177 47.10 -15.56 10.79
N THR C 178 46.84 -15.89 12.05
CA THR C 178 47.81 -15.60 13.10
C THR C 178 48.36 -16.89 13.71
N LEU C 179 49.67 -17.08 13.65
CA LEU C 179 50.31 -18.25 14.24
C LEU C 179 50.80 -17.82 15.60
N THR C 180 50.22 -18.36 16.67
CA THR C 180 50.68 -17.96 18.01
C THR C 180 51.56 -19.00 18.68
N LEU C 181 52.71 -18.55 19.17
CA LEU C 181 53.70 -19.39 19.81
C LEU C 181 54.10 -18.75 21.14
N THR C 182 54.84 -19.48 21.95
CA THR C 182 55.36 -18.89 23.16
C THR C 182 56.66 -18.25 22.66
N LYS C 183 57.10 -17.21 23.36
CA LYS C 183 58.33 -16.54 23.00
C LYS C 183 59.53 -17.51 22.97
N ASP C 184 59.71 -18.33 24.00
CA ASP C 184 60.87 -19.21 23.93
C ASP C 184 60.78 -20.21 22.80
N GLU C 185 59.59 -20.65 22.39
CA GLU C 185 59.65 -21.56 21.24
C GLU C 185 59.99 -20.77 19.99
N TYR C 186 59.49 -19.53 19.94
CA TYR C 186 59.75 -18.67 18.79
C TYR C 186 61.25 -18.46 18.62
N GLU C 187 61.96 -18.33 19.74
CA GLU C 187 63.41 -18.11 19.70
C GLU C 187 64.23 -19.36 19.33
N ARG C 188 63.58 -20.51 19.23
CA ARG C 188 64.25 -21.74 18.87
C ARG C 188 64.28 -22.01 17.35
N HIS C 189 63.62 -21.16 16.57
CA HIS C 189 63.58 -21.36 15.13
C HIS C 189 63.94 -20.08 14.43
N ASN C 190 64.35 -20.17 13.17
CA ASN C 190 64.74 -18.98 12.42
C ASN C 190 63.82 -18.64 11.26
N SER C 191 63.41 -19.62 10.50
CA SER C 191 62.57 -19.33 9.35
C SER C 191 61.08 -19.57 9.53
N TYR C 192 60.29 -18.53 9.29
CA TYR C 192 58.84 -18.60 9.43
C TYR C 192 58.21 -18.26 8.09
N THR C 193 57.34 -19.13 7.61
CA THR C 193 56.70 -18.90 6.32
C THR C 193 55.16 -19.01 6.30
N CYS C 194 54.53 -18.03 5.67
CA CYS C 194 53.08 -17.98 5.48
C CYS C 194 52.95 -18.46 4.04
N GLU C 195 52.22 -19.54 3.82
CA GLU C 195 52.08 -20.08 2.47
C GLU C 195 50.62 -20.16 2.08
N ALA C 196 50.26 -19.51 0.98
CA ALA C 196 48.89 -19.51 0.48
C ALA C 196 48.73 -20.20 -0.87
N THR C 197 47.73 -21.05 -0.94
CA THR C 197 47.43 -21.75 -2.16
C THR C 197 46.06 -21.28 -2.60
N HIS C 198 46.03 -20.68 -3.77
CA HIS C 198 44.79 -20.16 -4.30
C HIS C 198 44.61 -20.59 -5.73
N LYS C 199 43.36 -20.60 -6.14
CA LYS C 199 42.93 -20.97 -7.47
C LYS C 199 43.74 -20.24 -8.56
N THR C 200 44.06 -18.98 -8.31
CA THR C 200 44.79 -18.17 -9.27
C THR C 200 46.21 -18.62 -9.65
N SER C 201 46.71 -19.68 -9.03
CA SER C 201 48.04 -20.16 -9.38
C SER C 201 48.34 -21.55 -8.87
N THR C 202 49.21 -22.26 -9.60
CA THR C 202 49.61 -23.60 -9.18
C THR C 202 50.74 -23.41 -8.17
N SER C 203 51.48 -22.32 -8.32
CA SER C 203 52.56 -22.00 -7.40
C SER C 203 51.97 -21.27 -6.19
N PRO C 204 52.10 -21.85 -4.98
CA PRO C 204 51.56 -21.19 -3.79
C PRO C 204 52.25 -19.84 -3.59
N ILE C 205 51.55 -18.87 -3.03
CA ILE C 205 52.20 -17.58 -2.76
C ILE C 205 52.91 -17.75 -1.43
N VAL C 206 54.14 -17.26 -1.33
CA VAL C 206 54.85 -17.41 -0.09
C VAL C 206 55.52 -16.14 0.43
N LYS C 207 55.36 -15.91 1.73
CA LYS C 207 56.02 -14.79 2.39
C LYS C 207 56.75 -15.42 3.55
N SER C 208 57.99 -15.02 3.75
CA SER C 208 58.80 -15.57 4.81
C SER C 208 59.57 -14.44 5.44
N PHE C 209 60.26 -14.78 6.53
CA PHE C 209 61.11 -13.85 7.23
C PHE C 209 61.96 -14.72 8.16
N ASN C 210 63.14 -14.23 8.49
CA ASN C 210 64.02 -14.97 9.38
C ASN C 210 64.19 -14.19 10.66
N ARG C 211 64.06 -14.90 11.78
CA ARG C 211 64.16 -14.27 13.08
C ARG C 211 65.49 -13.55 13.19
N ASN C 212 66.57 -14.24 12.82
CA ASN C 212 67.92 -13.66 12.86
C ASN C 212 68.16 -12.90 11.57
N GLU C 213 67.66 -11.67 11.51
CA GLU C 213 67.82 -10.83 10.32
C GLU C 213 67.17 -9.48 10.56
N GLN D 1 9.10 8.86 13.60
CA GLN D 1 9.43 7.60 12.87
C GLN D 1 9.38 6.37 13.80
N VAL D 2 9.13 5.19 13.25
CA VAL D 2 9.08 3.98 14.07
C VAL D 2 10.47 3.65 14.54
N LYS D 3 10.65 3.56 15.85
CA LYS D 3 11.95 3.22 16.42
C LYS D 3 11.78 2.11 17.43
N LEU D 4 12.75 1.22 17.47
CA LEU D 4 12.76 0.13 18.43
C LEU D 4 14.12 0.21 19.11
N LEU D 5 14.13 0.56 20.38
CA LEU D 5 15.39 0.70 21.09
C LEU D 5 15.63 -0.49 21.97
N GLU D 6 16.70 -1.23 21.69
CA GLU D 6 17.01 -2.42 22.46
C GLU D 6 18.19 -2.24 23.40
N SER D 7 18.23 -3.02 24.46
CA SER D 7 19.31 -2.92 25.43
C SER D 7 20.66 -3.41 24.87
N GLY D 8 21.76 -2.97 25.51
CA GLY D 8 23.08 -3.32 25.03
C GLY D 8 23.54 -4.76 25.22
N PRO D 9 24.66 -5.13 24.58
CA PRO D 9 25.20 -6.50 24.68
C PRO D 9 25.25 -6.96 26.11
N GLU D 10 25.07 -8.26 26.30
CA GLU D 10 25.08 -8.83 27.64
C GLU D 10 25.98 -10.03 27.71
N LEU D 11 26.65 -10.16 28.85
CA LEU D 11 27.54 -11.27 29.11
C LEU D 11 26.91 -11.92 30.31
N VAL D 12 26.60 -13.19 30.22
CA VAL D 12 25.97 -13.87 31.36
C VAL D 12 26.47 -15.30 31.49
N LYS D 13 26.56 -15.77 32.73
CA LYS D 13 27.07 -17.12 33.03
C LYS D 13 26.11 -18.25 32.63
N PRO D 14 26.64 -19.44 32.34
CA PRO D 14 25.74 -20.56 31.96
C PRO D 14 24.81 -20.81 33.13
N GLY D 15 23.52 -21.05 32.87
CA GLY D 15 22.59 -21.32 33.95
C GLY D 15 21.87 -20.14 34.56
N ALA D 16 22.29 -18.92 34.25
CA ALA D 16 21.63 -17.74 34.79
C ALA D 16 20.51 -17.34 33.85
N SER D 17 19.92 -16.18 34.11
CA SER D 17 18.87 -15.68 33.24
C SER D 17 19.26 -14.30 32.74
N VAL D 18 18.69 -13.90 31.61
CA VAL D 18 18.99 -12.58 31.10
C VAL D 18 17.69 -11.98 30.63
N LYS D 19 17.56 -10.67 30.81
CA LYS D 19 16.36 -9.98 30.37
C LYS D 19 16.75 -8.76 29.55
N MET D 20 16.20 -8.66 28.35
CA MET D 20 16.49 -7.55 27.47
C MET D 20 15.21 -6.79 27.21
N SER D 21 15.36 -5.54 26.78
CA SER D 21 14.23 -4.67 26.53
C SER D 21 14.22 -4.09 25.13
N CYS D 22 13.05 -3.67 24.72
CA CYS D 22 12.79 -3.08 23.42
C CYS D 22 11.78 -1.97 23.66
N LYS D 23 12.25 -0.73 23.65
CA LYS D 23 11.38 0.42 23.88
C LYS D 23 10.92 0.94 22.53
N ALA D 24 9.61 0.96 22.31
CA ALA D 24 9.07 1.42 21.05
C ALA D 24 8.58 2.86 21.09
N SER D 25 8.47 3.47 19.92
CA SER D 25 7.99 4.83 19.78
C SER D 25 7.78 5.03 18.29
N GLY D 26 6.94 5.99 17.92
CA GLY D 26 6.69 6.22 16.51
C GLY D 26 5.37 5.63 16.06
N TYR D 27 4.70 4.92 16.96
CA TYR D 27 3.40 4.32 16.63
C TYR D 27 2.63 4.02 17.89
N THR D 28 1.40 3.54 17.73
CA THR D 28 0.59 3.20 18.88
C THR D 28 1.07 1.84 19.38
N PHE D 29 1.93 1.88 20.39
CA PHE D 29 2.50 0.70 20.99
C PHE D 29 1.53 -0.48 21.05
N THR D 30 0.33 -0.25 21.56
CA THR D 30 -0.65 -1.31 21.69
C THR D 30 -1.34 -1.73 20.41
N SER D 31 -1.06 -1.07 19.30
CA SER D 31 -1.71 -1.44 18.06
C SER D 31 -1.03 -2.52 17.23
N TYR D 32 0.15 -2.98 17.67
CA TYR D 32 0.87 -4.02 16.93
C TYR D 32 1.49 -5.01 17.90
N VAL D 33 1.58 -6.27 17.51
CA VAL D 33 2.23 -7.22 18.41
C VAL D 33 3.74 -7.00 18.25
N MET D 34 4.52 -7.56 19.16
CA MET D 34 5.95 -7.43 19.09
C MET D 34 6.56 -8.82 19.05
N HIS D 35 7.20 -9.17 17.94
CA HIS D 35 7.86 -10.48 17.80
C HIS D 35 9.30 -10.39 18.29
N TRP D 36 9.87 -11.56 18.56
CA TRP D 36 11.26 -11.72 18.96
C TRP D 36 11.85 -12.81 18.08
N VAL D 37 12.99 -12.51 17.49
CA VAL D 37 13.65 -13.43 16.59
C VAL D 37 15.08 -13.60 17.05
N LYS D 38 15.58 -14.83 16.91
CA LYS D 38 16.93 -15.16 17.32
C LYS D 38 17.82 -15.40 16.11
N GLN D 39 19.07 -14.95 16.18
CA GLN D 39 20.00 -15.17 15.07
C GLN D 39 21.40 -15.44 15.60
N LYS D 40 21.81 -16.71 15.56
CA LYS D 40 23.15 -17.09 16.03
C LYS D 40 24.23 -16.67 15.03
N PRO D 41 25.43 -16.29 15.51
CA PRO D 41 26.55 -15.85 14.69
C PRO D 41 26.63 -16.51 13.33
N GLY D 42 26.56 -15.69 12.28
CA GLY D 42 26.62 -16.17 10.92
C GLY D 42 25.64 -17.29 10.61
N GLN D 43 24.47 -17.22 11.22
CA GLN D 43 23.46 -18.24 11.00
C GLN D 43 22.08 -17.69 10.69
N GLY D 44 21.12 -18.60 10.44
CA GLY D 44 19.77 -18.20 10.08
C GLY D 44 18.91 -17.49 11.12
N LEU D 45 17.63 -17.39 10.83
CA LEU D 45 16.69 -16.70 11.72
C LEU D 45 15.70 -17.68 12.32
N GLU D 46 15.37 -17.47 13.59
CA GLU D 46 14.43 -18.34 14.28
C GLU D 46 13.43 -17.52 15.10
N TRP D 47 12.14 -17.72 14.83
CA TRP D 47 11.08 -16.98 15.53
C TRP D 47 10.88 -17.52 16.95
N ILE D 48 10.86 -16.63 17.94
CA ILE D 48 10.70 -17.07 19.33
C ILE D 48 9.25 -16.94 19.78
N GLY D 49 8.61 -15.87 19.33
CA GLY D 49 7.23 -15.68 19.69
C GLY D 49 6.91 -14.20 19.65
N TYR D 50 5.72 -13.84 20.12
CA TYR D 50 5.33 -12.45 20.18
C TYR D 50 4.40 -12.22 21.34
N ILE D 51 4.19 -10.97 21.63
CA ILE D 51 3.30 -10.57 22.70
C ILE D 51 2.46 -9.47 22.13
N ASN D 52 1.21 -9.43 22.56
CA ASN D 52 0.30 -8.41 22.13
C ASN D 52 0.23 -7.42 23.28
N PRO D 53 0.88 -6.25 23.14
CA PRO D 53 0.89 -5.24 24.20
C PRO D 53 -0.52 -4.84 24.64
N TYR D 54 -1.46 -4.83 23.71
CA TYR D 54 -2.84 -4.46 24.01
C TYR D 54 -3.50 -5.30 25.10
N ASN D 55 -3.19 -6.59 25.15
CA ASN D 55 -3.80 -7.47 26.14
C ASN D 55 -2.84 -8.44 26.81
N ASP D 56 -1.54 -8.20 26.65
CA ASP D 56 -0.53 -9.07 27.24
C ASP D 56 -0.61 -10.53 26.78
N GLY D 57 -1.33 -10.76 25.69
CA GLY D 57 -1.44 -12.12 25.17
C GLY D 57 -0.14 -12.54 24.52
N THR D 58 0.19 -13.82 24.57
CA THR D 58 1.44 -14.29 23.97
C THR D 58 1.40 -15.59 23.20
N LYS D 59 2.07 -15.61 22.06
CA LYS D 59 2.19 -16.81 21.25
C LYS D 59 3.68 -17.16 21.25
N TYR D 60 3.98 -18.42 21.53
CA TYR D 60 5.36 -18.87 21.57
C TYR D 60 5.66 -19.99 20.59
N ASN D 61 6.90 -20.05 20.16
CA ASN D 61 7.36 -21.11 19.30
C ASN D 61 7.50 -22.20 20.39
N GLU D 62 6.88 -23.37 20.19
CA GLU D 62 6.94 -24.43 21.20
C GLU D 62 8.33 -24.72 21.77
N LYS D 63 9.35 -24.64 20.93
CA LYS D 63 10.71 -24.87 21.39
C LYS D 63 11.07 -23.86 22.48
N PHE D 64 10.42 -22.70 22.45
CA PHE D 64 10.77 -21.69 23.43
C PHE D 64 9.86 -21.55 24.63
N LYS D 65 8.75 -22.29 24.62
CA LYS D 65 7.83 -22.20 25.77
C LYS D 65 8.45 -22.84 27.00
N GLY D 66 8.54 -22.08 28.09
CA GLY D 66 9.15 -22.59 29.30
C GLY D 66 10.59 -22.07 29.40
N LYS D 67 11.11 -21.52 28.29
CA LYS D 67 12.48 -20.97 28.17
C LYS D 67 12.48 -19.43 28.12
N ALA D 68 11.73 -18.87 27.17
CA ALA D 68 11.60 -17.44 26.98
C ALA D 68 10.30 -16.93 27.59
N THR D 69 10.36 -15.74 28.17
CA THR D 69 9.18 -15.12 28.77
C THR D 69 9.00 -13.71 28.21
N LEU D 70 7.93 -13.50 27.46
CA LEU D 70 7.64 -12.21 26.87
C LEU D 70 6.70 -11.39 27.72
N THR D 71 7.11 -10.19 28.09
CA THR D 71 6.27 -9.30 28.87
C THR D 71 6.16 -7.99 28.13
N SER D 72 5.39 -7.07 28.69
CA SER D 72 5.15 -5.80 28.03
C SER D 72 4.69 -4.75 29.02
N ASP D 73 5.12 -3.53 28.81
CA ASP D 73 4.73 -2.44 29.70
C ASP D 73 4.20 -1.28 28.89
N LYS D 74 2.88 -1.12 28.90
CA LYS D 74 2.21 -0.06 28.16
C LYS D 74 2.62 1.36 28.55
N SER D 75 2.80 1.60 29.85
CA SER D 75 3.16 2.92 30.32
C SER D 75 4.49 3.39 29.73
N SER D 76 5.45 2.48 29.58
CA SER D 76 6.74 2.87 29.04
C SER D 76 6.92 2.36 27.60
N SER D 77 5.84 1.88 26.98
CA SER D 77 5.92 1.36 25.62
C SER D 77 7.11 0.43 25.43
N THR D 78 7.38 -0.40 26.43
CA THR D 78 8.50 -1.32 26.36
C THR D 78 8.13 -2.79 26.47
N ALA D 79 8.75 -3.60 25.60
CA ALA D 79 8.56 -5.04 25.57
C ALA D 79 9.84 -5.67 26.10
N TYR D 80 9.69 -6.75 26.85
CA TYR D 80 10.81 -7.47 27.42
C TYR D 80 10.77 -8.94 27.09
N MET D 81 11.96 -9.53 27.05
CA MET D 81 12.10 -10.95 26.85
C MET D 81 13.16 -11.38 27.82
N GLU D 82 12.81 -12.42 28.57
CA GLU D 82 13.70 -13.00 29.53
C GLU D 82 13.99 -14.42 29.10
N LEU D 83 15.24 -14.83 29.22
CA LEU D 83 15.64 -16.19 28.89
C LEU D 83 16.28 -16.76 30.14
N SER D 84 15.89 -17.97 30.50
CA SER D 84 16.42 -18.61 31.69
C SER D 84 17.31 -19.82 31.35
N SER D 85 18.03 -20.30 32.35
CA SER D 85 18.91 -21.47 32.22
C SER D 85 19.76 -21.39 30.96
N LEU D 86 20.43 -20.25 30.79
CA LEU D 86 21.27 -20.03 29.63
C LEU D 86 22.39 -21.05 29.45
N THR D 87 22.62 -21.41 28.20
CA THR D 87 23.69 -22.30 27.80
C THR D 87 24.36 -21.62 26.57
N SER D 88 25.45 -22.21 26.07
CA SER D 88 26.15 -21.68 24.92
C SER D 88 25.24 -21.58 23.70
N GLU D 89 24.24 -22.45 23.64
CA GLU D 89 23.31 -22.45 22.52
C GLU D 89 22.51 -21.15 22.43
N ASP D 90 22.43 -20.45 23.55
CA ASP D 90 21.69 -19.17 23.63
C ASP D 90 22.52 -17.93 23.25
N SER D 91 23.81 -18.13 22.98
CA SER D 91 24.63 -16.98 22.58
C SER D 91 24.14 -16.63 21.20
N ALA D 92 23.72 -15.39 21.01
CA ALA D 92 23.21 -15.00 19.72
C ALA D 92 22.72 -13.58 19.84
N VAL D 93 22.27 -13.06 18.72
CA VAL D 93 21.72 -11.73 18.67
C VAL D 93 20.21 -11.94 18.68
N TYR D 94 19.52 -11.17 19.52
CA TYR D 94 18.07 -11.27 19.63
C TYR D 94 17.44 -9.93 19.18
N TYR D 95 16.47 -10.01 18.27
CA TYR D 95 15.77 -8.83 17.75
C TYR D 95 14.32 -8.78 18.20
N CYS D 96 13.82 -7.57 18.46
CA CYS D 96 12.39 -7.41 18.71
C CYS D 96 12.04 -6.89 17.33
N VAL D 97 10.86 -7.26 16.86
CA VAL D 97 10.41 -6.91 15.52
C VAL D 97 8.92 -6.59 15.57
N ARG D 98 8.55 -5.38 15.16
CA ARG D 98 7.14 -5.02 15.22
C ARG D 98 6.35 -5.80 14.17
N GLY D 99 5.22 -6.37 14.62
CA GLY D 99 4.37 -7.11 13.70
C GLY D 99 3.71 -6.16 12.71
N GLY D 100 3.02 -6.73 11.75
CA GLY D 100 2.34 -5.94 10.75
C GLY D 100 1.02 -5.40 11.28
N TYR D 101 0.23 -4.80 10.38
CA TYR D 101 -1.08 -4.24 10.75
C TYR D 101 -1.90 -5.29 11.50
N ARG D 102 -1.72 -6.55 11.15
CA ARG D 102 -2.41 -7.66 11.82
C ARG D 102 -1.32 -8.66 12.22
N PRO D 103 -1.53 -9.38 13.33
CA PRO D 103 -0.59 -10.37 13.85
C PRO D 103 -0.05 -11.36 12.82
N TYR D 104 -0.91 -11.82 11.92
CA TYR D 104 -0.51 -12.81 10.91
C TYR D 104 0.17 -12.20 9.68
N TYR D 105 0.31 -10.88 9.69
CA TYR D 105 0.98 -10.19 8.59
C TYR D 105 2.49 -10.37 8.77
N ALA D 106 3.24 -10.11 7.70
CA ALA D 106 4.70 -10.25 7.74
C ALA D 106 5.26 -9.14 8.64
N MET D 107 6.25 -9.48 9.47
CA MET D 107 6.88 -8.50 10.37
C MET D 107 7.50 -7.44 9.48
N ASP D 108 7.54 -6.20 9.94
CA ASP D 108 8.06 -5.11 9.12
C ASP D 108 9.17 -4.22 9.69
N TYR D 109 9.21 -4.01 11.01
CA TYR D 109 10.26 -3.17 11.56
C TYR D 109 11.13 -3.91 12.56
N TRP D 110 12.35 -4.21 12.15
CA TRP D 110 13.31 -4.91 12.99
C TRP D 110 14.14 -3.95 13.83
N GLY D 111 14.34 -4.29 15.09
CA GLY D 111 15.20 -3.49 15.96
C GLY D 111 16.65 -3.75 15.55
N GLN D 112 17.60 -3.20 16.29
CA GLN D 112 19.02 -3.37 16.00
C GLN D 112 19.53 -4.66 16.61
N GLY D 113 18.79 -5.19 17.58
CA GLY D 113 19.16 -6.44 18.21
C GLY D 113 20.03 -6.35 19.45
N THR D 114 19.87 -7.34 20.33
CA THR D 114 20.66 -7.40 21.53
C THR D 114 21.52 -8.64 21.46
N SER D 115 22.83 -8.41 21.49
CA SER D 115 23.78 -9.50 21.42
C SER D 115 23.94 -10.11 22.79
N VAL D 116 23.81 -11.43 22.88
CA VAL D 116 23.96 -12.06 24.18
C VAL D 116 25.07 -13.08 24.10
N THR D 117 26.01 -13.03 25.06
CA THR D 117 27.10 -13.98 25.07
C THR D 117 26.96 -14.75 26.38
N VAL D 118 26.90 -16.09 26.33
CA VAL D 118 26.75 -16.92 27.53
C VAL D 118 28.09 -17.58 27.75
N SER D 119 28.75 -17.23 28.83
CA SER D 119 30.07 -17.81 29.06
C SER D 119 30.47 -17.61 30.51
N SER D 120 31.35 -18.45 31.02
CA SER D 120 31.80 -18.23 32.37
C SER D 120 33.17 -17.47 32.33
N ALA D 121 33.67 -17.18 31.13
CA ALA D 121 34.95 -16.48 30.99
C ALA D 121 34.84 -15.07 31.58
N LYS D 122 35.94 -14.57 32.13
CA LYS D 122 35.89 -13.23 32.73
C LYS D 122 36.28 -12.10 31.77
N THR D 123 35.77 -10.91 32.05
CA THR D 123 36.06 -9.73 31.25
C THR D 123 37.57 -9.49 31.34
N THR D 124 38.21 -9.39 30.18
CA THR D 124 39.66 -9.22 30.09
C THR D 124 39.99 -8.14 29.07
N PRO D 125 40.81 -7.14 29.48
CA PRO D 125 41.15 -6.09 28.53
C PRO D 125 42.09 -6.65 27.46
N PRO D 126 42.12 -6.02 26.29
CA PRO D 126 42.99 -6.50 25.22
C PRO D 126 44.43 -6.04 25.36
N SER D 127 45.34 -6.78 24.73
CA SER D 127 46.73 -6.35 24.63
C SER D 127 46.73 -5.87 23.17
N VAL D 128 47.43 -4.77 22.87
CA VAL D 128 47.43 -4.30 21.51
C VAL D 128 48.88 -4.24 21.03
N TYR D 129 49.16 -4.95 19.93
CA TYR D 129 50.51 -5.00 19.40
C TYR D 129 50.58 -4.46 17.97
N PRO D 130 51.64 -3.70 17.68
CA PRO D 130 51.82 -3.13 16.34
C PRO D 130 52.31 -4.18 15.35
N LEU D 131 51.91 -4.05 14.09
CA LEU D 131 52.35 -4.97 13.04
C LEU D 131 53.03 -4.04 12.03
N ALA D 132 54.36 -3.95 12.08
CA ALA D 132 55.13 -3.13 11.14
C ALA D 132 55.96 -4.10 10.25
N PRO D 133 56.08 -3.81 8.95
CA PRO D 133 56.84 -4.71 8.05
C PRO D 133 58.31 -5.02 8.40
N SER D 141 53.98 0.37 -4.79
CA SER D 141 54.34 1.51 -3.97
C SER D 141 53.33 1.74 -2.84
N MET D 142 52.85 0.64 -2.26
CA MET D 142 51.92 0.66 -1.14
C MET D 142 52.60 -0.18 -0.08
N VAL D 143 52.32 0.10 1.18
CA VAL D 143 52.88 -0.69 2.25
C VAL D 143 51.70 -1.01 3.19
N THR D 144 51.63 -2.26 3.66
CA THR D 144 50.55 -2.65 4.56
C THR D 144 51.05 -2.75 6.00
N LEU D 145 50.32 -2.07 6.89
CA LEU D 145 50.63 -2.02 8.30
C LEU D 145 49.47 -2.70 9.03
N GLY D 146 49.58 -2.86 10.34
CA GLY D 146 48.50 -3.52 11.03
C GLY D 146 48.50 -3.38 12.53
N CYS D 147 47.49 -3.97 13.15
CA CYS D 147 47.31 -3.90 14.59
C CYS D 147 46.75 -5.26 15.05
N LEU D 148 47.39 -5.87 16.06
CA LEU D 148 46.92 -7.15 16.61
C LEU D 148 46.27 -6.86 17.98
N VAL D 149 44.99 -7.19 18.11
CA VAL D 149 44.24 -6.96 19.34
C VAL D 149 44.02 -8.35 19.95
N LYS D 150 44.80 -8.68 20.96
CA LYS D 150 44.75 -10.00 21.53
C LYS D 150 44.32 -10.18 22.98
N GLY D 151 43.75 -11.37 23.22
CA GLY D 151 43.33 -11.80 24.54
C GLY D 151 42.28 -11.02 25.27
N TYR D 152 41.22 -10.56 24.59
CA TYR D 152 40.22 -9.81 25.32
C TYR D 152 38.91 -10.59 25.40
N PHE D 153 38.01 -10.13 26.26
CA PHE D 153 36.70 -10.78 26.42
C PHE D 153 35.85 -9.85 27.24
N PRO D 154 34.58 -9.63 26.86
CA PRO D 154 33.88 -10.22 25.70
C PRO D 154 33.99 -9.23 24.54
N GLU D 155 33.26 -9.53 23.48
CA GLU D 155 33.14 -8.68 22.29
C GLU D 155 32.23 -7.52 22.71
N PRO D 156 32.30 -6.38 22.01
CA PRO D 156 33.20 -6.16 20.87
C PRO D 156 34.32 -5.19 21.23
N VAL D 157 35.23 -4.99 20.28
CA VAL D 157 36.26 -3.95 20.39
C VAL D 157 36.03 -3.15 19.12
N THR D 158 36.39 -1.88 19.11
CA THR D 158 36.26 -1.14 17.87
C THR D 158 37.71 -0.79 17.50
N VAL D 159 38.01 -0.73 16.21
CA VAL D 159 39.35 -0.39 15.76
C VAL D 159 39.26 0.66 14.66
N THR D 160 40.00 1.76 14.80
CA THR D 160 39.98 2.76 13.75
C THR D 160 41.45 3.13 13.48
N TRP D 161 41.70 3.89 12.43
CA TRP D 161 43.07 4.29 12.09
C TRP D 161 43.10 5.78 11.96
N ASN D 162 44.05 6.41 12.66
CA ASN D 162 44.20 7.86 12.69
C ASN D 162 42.86 8.46 12.99
N SER D 163 42.18 7.84 13.94
CA SER D 163 40.87 8.30 14.38
C SER D 163 39.89 8.54 13.23
N GLY D 164 39.91 7.63 12.24
CA GLY D 164 38.99 7.75 11.12
C GLY D 164 39.50 8.44 9.86
N SER D 165 40.60 9.16 9.97
CA SER D 165 41.16 9.85 8.80
C SER D 165 41.68 8.86 7.77
N LEU D 166 42.02 7.67 8.22
CA LEU D 166 42.46 6.60 7.33
C LEU D 166 41.30 5.64 7.32
N SER D 167 40.55 5.60 6.23
CA SER D 167 39.37 4.74 6.15
C SER D 167 39.37 3.70 5.03
N SER D 168 39.80 4.10 3.84
CA SER D 168 39.83 3.14 2.73
C SER D 168 41.16 2.38 2.89
N GLY D 169 41.25 1.20 2.28
CA GLY D 169 42.49 0.43 2.42
C GLY D 169 42.61 -0.26 3.78
N VAL D 170 41.50 -0.28 4.53
CA VAL D 170 41.46 -0.90 5.84
C VAL D 170 40.69 -2.20 5.81
N HIS D 171 41.20 -3.22 6.48
CA HIS D 171 40.48 -4.49 6.60
C HIS D 171 40.52 -4.83 8.08
N THR D 172 39.36 -4.88 8.73
CA THR D 172 39.31 -5.27 10.12
C THR D 172 38.65 -6.63 10.13
N PHE D 173 39.40 -7.63 10.55
CA PHE D 173 38.93 -9.01 10.56
C PHE D 173 38.09 -9.42 11.76
N PRO D 174 37.02 -10.20 11.55
CA PRO D 174 36.13 -10.67 12.63
C PRO D 174 37.00 -11.34 13.69
N ALA D 175 36.68 -11.12 14.96
CA ALA D 175 37.44 -11.70 16.06
C ALA D 175 37.24 -13.19 16.08
N VAL D 176 38.21 -13.92 16.63
CA VAL D 176 38.11 -15.38 16.73
C VAL D 176 38.39 -15.73 18.17
N LEU D 177 37.52 -16.56 18.73
CA LEU D 177 37.66 -16.97 20.12
C LEU D 177 38.65 -18.12 20.20
N GLN D 178 39.47 -18.11 21.23
CA GLN D 178 40.45 -19.16 21.45
C GLN D 178 40.71 -19.25 22.93
N SER D 179 40.37 -20.38 23.53
CA SER D 179 40.58 -20.56 24.96
C SER D 179 39.97 -19.44 25.78
N ASP D 180 38.69 -19.15 25.51
CA ASP D 180 37.96 -18.13 26.24
C ASP D 180 38.36 -16.69 25.96
N LEU D 181 39.31 -16.44 25.06
CA LEU D 181 39.69 -15.06 24.78
C LEU D 181 39.58 -14.76 23.28
N TYR D 182 39.21 -13.55 22.93
CA TYR D 182 39.12 -13.22 21.52
C TYR D 182 40.42 -12.60 21.03
N THR D 183 40.67 -12.78 19.74
CA THR D 183 41.81 -12.18 19.10
C THR D 183 41.26 -11.63 17.80
N LEU D 184 41.68 -10.42 17.47
CA LEU D 184 41.28 -9.72 16.26
C LEU D 184 42.48 -8.99 15.64
N SER D 185 42.47 -8.85 14.32
CA SER D 185 43.52 -8.10 13.66
C SER D 185 42.89 -7.08 12.71
N SER D 186 43.68 -6.10 12.30
CA SER D 186 43.20 -5.08 11.37
C SER D 186 44.42 -4.64 10.57
N SER D 187 44.26 -4.58 9.24
CA SER D 187 45.36 -4.12 8.39
C SER D 187 44.99 -2.80 7.72
N VAL D 188 46.00 -1.99 7.41
CA VAL D 188 45.78 -0.76 6.69
C VAL D 188 46.91 -0.61 5.66
N THR D 189 46.53 -0.27 4.43
CA THR D 189 47.49 -0.13 3.35
C THR D 189 47.56 1.33 2.94
N VAL D 190 48.75 1.92 3.02
CA VAL D 190 48.98 3.31 2.68
C VAL D 190 50.12 3.46 1.66
N PRO D 191 50.23 4.63 1.01
CA PRO D 191 51.31 4.83 0.05
C PRO D 191 52.66 4.69 0.79
N SER D 192 53.60 3.92 0.24
CA SER D 192 54.89 3.73 0.92
C SER D 192 55.67 5.01 1.16
N SER D 193 55.56 5.96 0.26
CA SER D 193 56.27 7.22 0.44
C SER D 193 55.78 7.97 1.67
N THR D 194 54.49 7.88 1.97
CA THR D 194 53.91 8.56 3.12
C THR D 194 54.29 7.99 4.50
N TRP D 195 54.80 6.77 4.54
CA TRP D 195 55.15 6.16 5.82
C TRP D 195 56.63 5.84 5.91
N PRO D 196 57.24 6.10 7.07
CA PRO D 196 56.67 6.66 8.29
C PRO D 196 56.68 8.16 8.46
N SER D 197 56.96 8.95 7.42
CA SER D 197 56.97 10.40 7.63
C SER D 197 55.60 10.89 8.10
N GLU D 198 54.54 10.23 7.66
CA GLU D 198 53.19 10.57 8.12
C GLU D 198 52.81 9.38 9.03
N THR D 199 52.51 9.69 10.29
CA THR D 199 52.20 8.69 11.29
C THR D 199 50.89 7.93 11.06
N VAL D 200 50.91 6.67 11.45
CA VAL D 200 49.76 5.82 11.35
C VAL D 200 49.61 5.26 12.76
N THR D 201 48.40 5.42 13.31
CA THR D 201 48.08 5.00 14.68
C THR D 201 46.78 4.18 14.69
N CYS D 202 46.73 3.07 15.40
CA CYS D 202 45.44 2.37 15.50
C CYS D 202 44.85 2.74 16.84
N ASN D 203 43.55 2.98 16.85
CA ASN D 203 42.86 3.36 18.07
C ASN D 203 41.93 2.18 18.37
N VAL D 204 42.15 1.56 19.53
CA VAL D 204 41.39 0.38 19.94
C VAL D 204 40.59 0.71 21.18
N ALA D 205 39.32 0.32 21.20
CA ALA D 205 38.50 0.57 22.37
C ALA D 205 37.84 -0.76 22.74
N HIS D 206 37.78 -1.06 24.04
CA HIS D 206 37.14 -2.26 24.55
C HIS D 206 36.24 -1.75 25.68
N PRO D 207 35.02 -1.34 25.33
CA PRO D 207 34.03 -0.81 26.29
C PRO D 207 33.77 -1.68 27.54
N ALA D 208 33.77 -3.00 27.41
CA ALA D 208 33.51 -3.88 28.55
C ALA D 208 34.54 -3.73 29.67
N SER D 209 35.80 -3.48 29.30
CA SER D 209 36.80 -3.29 30.33
C SER D 209 37.12 -1.78 30.44
N SER D 210 36.29 -0.95 29.82
CA SER D 210 36.49 0.51 29.83
C SER D 210 37.96 0.83 29.53
N THR D 211 38.44 0.27 28.43
CA THR D 211 39.82 0.42 28.00
C THR D 211 39.93 1.04 26.62
N LYS D 212 40.87 1.97 26.47
CA LYS D 212 41.14 2.53 25.14
C LYS D 212 42.66 2.48 25.00
N VAL D 213 43.14 2.15 23.81
CA VAL D 213 44.58 2.11 23.55
C VAL D 213 44.84 2.70 22.16
N ASP D 214 45.85 3.58 22.06
CA ASP D 214 46.29 4.15 20.79
C ASP D 214 47.73 3.67 20.61
N LYS D 215 47.99 3.06 19.46
CA LYS D 215 49.30 2.52 19.19
C LYS D 215 49.79 3.04 17.84
N LYS D 216 50.85 3.83 17.87
CA LYS D 216 51.42 4.35 16.64
C LYS D 216 52.29 3.23 16.07
N ILE D 217 52.21 3.01 14.76
CA ILE D 217 53.01 1.96 14.14
C ILE D 217 54.35 2.55 13.69
N VAL D 218 55.45 2.10 14.27
CA VAL D 218 56.72 2.64 13.86
C VAL D 218 57.61 1.60 13.21
N PRO D 219 58.49 2.05 12.29
CA PRO D 219 59.41 1.16 11.58
C PRO D 219 60.21 0.32 12.56
N ARG D 220 60.42 -0.95 12.22
CA ARG D 220 61.19 -1.84 13.08
C ARG D 220 62.64 -1.36 13.19
N GLU E 1 -6.17 31.06 -12.24
CA GLU E 1 -6.29 29.74 -11.55
C GLU E 1 -5.97 28.60 -12.52
N LEU E 2 -5.90 27.38 -11.97
CA LEU E 2 -5.64 26.22 -12.80
C LEU E 2 -6.96 25.84 -13.46
N GLN E 3 -6.92 25.53 -14.75
CA GLN E 3 -8.12 25.14 -15.45
C GLN E 3 -7.85 23.82 -16.14
N MET E 4 -8.81 22.89 -16.04
CA MET E 4 -8.65 21.58 -16.67
C MET E 4 -9.62 21.45 -17.84
N THR E 5 -9.13 21.05 -19.00
CA THR E 5 -9.97 20.92 -20.17
C THR E 5 -10.07 19.47 -20.62
N GLN E 6 -11.22 18.86 -20.35
CA GLN E 6 -11.45 17.45 -20.69
C GLN E 6 -12.26 17.28 -21.96
N SER E 7 -11.89 16.29 -22.77
CA SER E 7 -12.58 16.02 -24.03
C SER E 7 -12.53 14.55 -24.32
N PRO E 8 -13.59 14.01 -24.96
CA PRO E 8 -14.77 14.76 -25.40
C PRO E 8 -15.78 14.79 -24.26
N ALA E 9 -16.77 15.66 -24.36
CA ALA E 9 -17.78 15.75 -23.32
C ALA E 9 -18.67 14.49 -23.32
N SER E 10 -18.87 13.90 -24.50
CA SER E 10 -19.72 12.73 -24.67
C SER E 10 -19.02 11.77 -25.58
N LEU E 11 -19.43 10.51 -25.52
CA LEU E 11 -18.81 9.52 -26.34
C LEU E 11 -19.59 8.20 -26.26
N SER E 12 -19.80 7.57 -27.41
CA SER E 12 -20.51 6.31 -27.47
C SER E 12 -19.52 5.30 -27.95
N ALA E 13 -19.60 4.09 -27.41
CA ALA E 13 -18.66 3.06 -27.80
C ALA E 13 -19.24 1.70 -27.55
N SER E 14 -18.53 0.69 -28.01
CA SER E 14 -18.99 -0.67 -27.83
C SER E 14 -18.01 -1.46 -26.98
N VAL E 15 -18.53 -2.50 -26.34
CA VAL E 15 -17.72 -3.39 -25.54
C VAL E 15 -16.71 -4.03 -26.48
N GLY E 16 -15.43 -3.95 -26.12
CA GLY E 16 -14.38 -4.50 -26.93
C GLY E 16 -13.61 -3.38 -27.60
N GLU E 17 -14.26 -2.24 -27.77
CA GLU E 17 -13.64 -1.08 -28.40
C GLU E 17 -12.66 -0.34 -27.47
N THR E 18 -11.61 0.23 -28.04
CA THR E 18 -10.62 0.99 -27.28
C THR E 18 -10.94 2.45 -27.48
N VAL E 19 -10.85 3.25 -26.41
CA VAL E 19 -11.13 4.67 -26.52
C VAL E 19 -10.14 5.46 -25.70
N THR E 20 -10.10 6.77 -25.91
CA THR E 20 -9.18 7.63 -25.20
C THR E 20 -9.82 8.93 -24.84
N ILE E 21 -9.62 9.34 -23.59
CA ILE E 21 -10.15 10.58 -23.05
C ILE E 21 -8.95 11.44 -22.80
N THR E 22 -9.08 12.74 -23.03
CA THR E 22 -7.94 13.63 -22.83
C THR E 22 -8.25 14.73 -21.85
N CYS E 23 -7.20 15.23 -21.21
CA CYS E 23 -7.33 16.32 -20.25
C CYS E 23 -6.15 17.27 -20.47
N ARG E 24 -6.41 18.57 -20.55
CA ARG E 24 -5.34 19.55 -20.74
C ARG E 24 -5.31 20.55 -19.59
N ALA E 25 -4.17 20.65 -18.92
CA ALA E 25 -4.03 21.57 -17.80
C ALA E 25 -3.62 22.94 -18.35
N SER E 26 -4.13 24.01 -17.75
CA SER E 26 -3.81 25.36 -18.20
C SER E 26 -2.36 25.74 -17.84
N GLU E 27 -1.73 24.94 -17.00
CA GLU E 27 -0.34 25.16 -16.60
C GLU E 27 0.29 23.83 -16.21
N ASN E 28 1.61 23.79 -16.18
CA ASN E 28 2.34 22.58 -15.83
C ASN E 28 1.90 22.04 -14.46
N ILE E 29 1.61 20.75 -14.43
CA ILE E 29 1.19 20.11 -13.18
C ILE E 29 1.98 18.81 -13.04
N TYR E 30 3.02 18.69 -13.86
CA TYR E 30 3.90 17.54 -13.87
C TYR E 30 3.14 16.24 -14.13
N SER E 31 3.06 15.39 -13.12
CA SER E 31 2.35 14.13 -13.24
C SER E 31 1.21 14.01 -12.24
N TYR E 32 0.89 15.13 -11.60
CA TYR E 32 -0.15 15.14 -10.60
C TYR E 32 -1.55 15.22 -11.18
N LEU E 33 -1.92 14.18 -11.92
CA LEU E 33 -3.24 14.10 -12.54
C LEU E 33 -3.89 12.76 -12.20
N ALA E 34 -5.11 12.81 -11.69
CA ALA E 34 -5.82 11.59 -11.33
C ALA E 34 -7.09 11.39 -12.19
N TRP E 35 -7.44 10.14 -12.44
CA TRP E 35 -8.63 9.82 -13.22
C TRP E 35 -9.67 9.13 -12.32
N TYR E 36 -10.89 9.64 -12.32
CA TYR E 36 -11.95 9.04 -11.52
C TYR E 36 -13.09 8.57 -12.42
N GLN E 37 -13.78 7.52 -11.97
CA GLN E 37 -14.91 6.98 -12.70
C GLN E 37 -16.14 7.12 -11.82
N GLN E 38 -17.29 7.49 -12.40
CA GLN E 38 -18.52 7.59 -11.61
C GLN E 38 -19.71 6.97 -12.32
N LYS E 39 -20.33 5.99 -11.66
CA LYS E 39 -21.50 5.32 -12.19
C LYS E 39 -22.72 5.94 -11.55
N GLN E 40 -23.80 6.00 -12.32
CA GLN E 40 -25.05 6.61 -11.88
C GLN E 40 -25.42 6.29 -10.44
N GLY E 41 -25.70 7.34 -9.67
CA GLY E 41 -26.08 7.15 -8.29
C GLY E 41 -25.01 6.59 -7.36
N LYS E 42 -23.75 6.70 -7.74
CA LYS E 42 -22.71 6.20 -6.86
C LYS E 42 -21.59 7.23 -6.68
N SER E 43 -20.81 7.05 -5.63
CA SER E 43 -19.67 7.93 -5.34
C SER E 43 -18.58 7.63 -6.37
N PRO E 44 -17.83 8.66 -6.79
CA PRO E 44 -16.74 8.45 -7.76
C PRO E 44 -15.71 7.46 -7.17
N GLN E 45 -14.96 6.77 -8.02
CA GLN E 45 -13.91 5.85 -7.57
C GLN E 45 -12.59 6.22 -8.28
N LEU E 46 -11.51 6.32 -7.52
CA LEU E 46 -10.20 6.63 -8.11
C LEU E 46 -9.73 5.47 -8.98
N LEU E 47 -9.28 5.75 -10.19
CA LEU E 47 -8.78 4.71 -11.10
C LEU E 47 -7.25 4.80 -11.29
N VAL E 48 -6.77 6.02 -11.47
CA VAL E 48 -5.37 6.29 -11.73
C VAL E 48 -4.94 7.57 -11.01
N TYR E 49 -3.68 7.60 -10.59
CA TYR E 49 -3.10 8.79 -9.96
C TYR E 49 -1.63 8.89 -10.42
N ASN E 50 -1.03 10.05 -10.17
CA ASN E 50 0.35 10.29 -10.60
C ASN E 50 0.31 10.01 -12.10
N ALA E 51 -0.76 10.48 -12.73
CA ALA E 51 -0.99 10.36 -14.17
C ALA E 51 -1.01 8.98 -14.80
N LYS E 52 -0.27 8.04 -14.23
CA LYS E 52 -0.23 6.71 -14.82
C LYS E 52 -0.24 5.54 -13.86
N THR E 53 -0.32 5.79 -12.55
CA THR E 53 -0.32 4.67 -11.63
C THR E 53 -1.74 4.17 -11.34
N LEU E 54 -2.02 2.94 -11.73
CA LEU E 54 -3.35 2.37 -11.49
C LEU E 54 -3.59 2.23 -10.00
N ALA E 55 -4.77 2.66 -9.55
CA ALA E 55 -5.11 2.52 -8.15
C ALA E 55 -5.27 1.02 -7.90
N GLU E 56 -5.24 0.63 -6.63
CA GLU E 56 -5.36 -0.76 -6.24
C GLU E 56 -6.67 -1.39 -6.72
N GLY E 57 -6.55 -2.55 -7.36
CA GLY E 57 -7.72 -3.25 -7.86
C GLY E 57 -8.20 -2.87 -9.25
N VAL E 58 -7.75 -1.72 -9.76
CA VAL E 58 -8.18 -1.27 -11.08
C VAL E 58 -7.63 -2.18 -12.15
N PRO E 59 -8.49 -2.66 -13.06
CA PRO E 59 -8.08 -3.55 -14.15
C PRO E 59 -6.96 -2.89 -14.95
N SER E 60 -6.07 -3.69 -15.53
CA SER E 60 -4.96 -3.13 -16.28
C SER E 60 -5.36 -2.55 -17.64
N ARG E 61 -6.56 -2.86 -18.13
CA ARG E 61 -7.01 -2.33 -19.41
C ARG E 61 -7.07 -0.79 -19.37
N PHE E 62 -7.04 -0.24 -18.16
CA PHE E 62 -7.05 1.21 -17.97
C PHE E 62 -5.57 1.64 -18.01
N SER E 63 -5.26 2.58 -18.89
CA SER E 63 -3.89 3.07 -19.07
C SER E 63 -3.82 4.60 -19.12
N GLY E 64 -3.10 5.19 -18.16
CA GLY E 64 -2.97 6.63 -18.16
C GLY E 64 -1.59 7.03 -18.69
N SER E 65 -1.46 8.27 -19.15
CA SER E 65 -0.18 8.73 -19.68
C SER E 65 -0.18 10.24 -19.84
N GLY E 66 1.01 10.83 -19.89
CA GLY E 66 1.13 12.28 -20.05
C GLY E 66 1.85 12.98 -18.90
N SER E 67 2.38 14.17 -19.18
CA SER E 67 3.11 14.99 -18.22
C SER E 67 2.95 16.45 -18.55
N GLY E 68 3.18 17.31 -17.56
CA GLY E 68 3.07 18.73 -17.78
C GLY E 68 1.65 19.25 -17.98
N THR E 69 1.14 19.18 -19.21
CA THR E 69 -0.20 19.68 -19.50
C THR E 69 -1.04 18.78 -20.38
N GLN E 70 -0.43 17.79 -20.99
CA GLN E 70 -1.15 16.88 -21.85
C GLN E 70 -1.31 15.51 -21.22
N PHE E 71 -2.56 15.18 -20.88
CA PHE E 71 -2.84 13.89 -20.26
C PHE E 71 -3.94 13.16 -20.99
N SER E 72 -4.02 11.85 -20.75
CA SER E 72 -5.04 11.05 -21.40
C SER E 72 -5.21 9.70 -20.71
N LEU E 73 -6.41 9.16 -20.81
CA LEU E 73 -6.71 7.88 -20.20
C LEU E 73 -7.18 7.03 -21.33
N LYS E 74 -6.56 5.88 -21.50
CA LYS E 74 -6.97 4.99 -22.57
C LYS E 74 -7.58 3.76 -21.92
N ILE E 75 -8.70 3.32 -22.47
CA ILE E 75 -9.36 2.13 -21.95
C ILE E 75 -9.32 1.13 -23.07
N ASN E 76 -8.45 0.15 -22.90
CA ASN E 76 -8.25 -0.90 -23.87
C ASN E 76 -9.28 -2.00 -23.78
N SER E 77 -10.08 -2.14 -24.83
CA SER E 77 -11.10 -3.17 -24.90
C SER E 77 -12.14 -2.96 -23.80
N LEU E 78 -12.96 -1.94 -24.01
CA LEU E 78 -14.04 -1.57 -23.11
C LEU E 78 -14.88 -2.75 -22.62
N GLN E 79 -15.17 -2.76 -21.32
CA GLN E 79 -15.99 -3.81 -20.73
C GLN E 79 -17.31 -3.18 -20.23
N PRO E 80 -18.37 -3.98 -20.11
CA PRO E 80 -19.67 -3.48 -19.66
C PRO E 80 -19.60 -2.51 -18.48
N GLU E 81 -18.79 -2.86 -17.48
CA GLU E 81 -18.68 -2.03 -16.28
C GLU E 81 -17.97 -0.70 -16.44
N ASP E 82 -17.36 -0.45 -17.60
CA ASP E 82 -16.62 0.80 -17.78
C ASP E 82 -17.50 1.95 -18.23
N PHE E 83 -18.73 1.65 -18.62
CA PHE E 83 -19.59 2.73 -19.07
C PHE E 83 -20.12 3.56 -17.91
N GLY E 84 -20.10 4.87 -18.11
CA GLY E 84 -20.53 5.79 -17.08
C GLY E 84 -19.73 7.07 -17.31
N SER E 85 -19.48 7.84 -16.25
CA SER E 85 -18.75 9.08 -16.38
C SER E 85 -17.33 9.06 -15.83
N TYR E 86 -16.44 9.81 -16.49
CA TYR E 86 -15.03 9.94 -16.11
C TYR E 86 -14.61 11.40 -15.90
N TYR E 87 -13.77 11.64 -14.89
CA TYR E 87 -13.29 12.97 -14.59
C TYR E 87 -11.79 12.99 -14.29
N CYS E 88 -11.07 14.00 -14.78
CA CYS E 88 -9.65 14.13 -14.45
C CYS E 88 -9.65 15.16 -13.36
N GLN E 89 -8.62 15.14 -12.54
CA GLN E 89 -8.50 16.10 -11.46
C GLN E 89 -7.03 16.26 -11.10
N HIS E 90 -6.62 17.50 -10.92
CA HIS E 90 -5.24 17.77 -10.54
C HIS E 90 -5.19 17.44 -9.07
N HIS E 91 -4.20 16.63 -8.66
CA HIS E 91 -4.09 16.33 -7.23
C HIS E 91 -2.74 16.81 -6.70
N TYR E 92 -2.39 16.33 -5.51
CA TYR E 92 -1.14 16.68 -4.82
C TYR E 92 -1.14 18.13 -4.38
N GLY E 93 -1.39 19.05 -5.30
CA GLY E 93 -1.39 20.45 -4.93
C GLY E 93 -2.66 21.18 -5.29
N THR E 94 -2.96 22.26 -4.56
CA THR E 94 -4.17 23.01 -4.84
C THR E 94 -3.96 23.96 -6.01
N PRO E 95 -5.05 24.26 -6.76
CA PRO E 95 -6.39 23.72 -6.48
C PRO E 95 -6.44 22.33 -7.10
N LEU E 96 -7.18 21.42 -6.48
CA LEU E 96 -7.30 20.07 -7.04
C LEU E 96 -8.51 20.06 -7.98
N THR E 97 -8.44 20.95 -8.98
CA THR E 97 -9.48 21.16 -9.98
C THR E 97 -9.83 19.97 -10.85
N PHE E 98 -11.13 19.79 -11.03
CA PHE E 98 -11.67 18.70 -11.84
C PHE E 98 -11.91 19.17 -13.27
N GLY E 99 -11.80 18.24 -14.22
CA GLY E 99 -12.13 18.56 -15.59
C GLY E 99 -13.67 18.46 -15.60
N ALA E 100 -14.31 18.89 -16.69
CA ALA E 100 -15.77 18.91 -16.77
C ALA E 100 -16.46 17.54 -16.85
N GLY E 101 -15.71 16.52 -17.27
CA GLY E 101 -16.24 15.18 -17.34
C GLY E 101 -16.50 14.64 -18.72
N THR E 102 -16.53 13.33 -18.80
CA THR E 102 -16.81 12.65 -20.05
C THR E 102 -17.86 11.56 -19.76
N LYS E 103 -19.00 11.65 -20.41
CA LYS E 103 -20.04 10.65 -20.25
C LYS E 103 -19.86 9.65 -21.38
N LEU E 104 -19.55 8.41 -21.01
CA LEU E 104 -19.33 7.33 -21.96
C LEU E 104 -20.52 6.38 -21.97
N GLU E 105 -21.20 6.29 -23.11
CA GLU E 105 -22.37 5.42 -23.22
C GLU E 105 -22.19 4.34 -24.23
N LEU E 106 -23.04 3.32 -24.15
CA LEU E 106 -22.98 2.18 -25.04
C LEU E 106 -23.75 2.36 -26.32
N LYS E 107 -23.22 1.73 -27.36
CA LYS E 107 -23.84 1.74 -28.67
C LYS E 107 -24.64 0.45 -28.82
N ARG E 108 -25.71 0.53 -29.60
CA ARG E 108 -26.53 -0.62 -29.90
C ARG E 108 -27.29 -0.24 -31.16
N ALA E 109 -27.97 -1.20 -31.75
CA ALA E 109 -28.73 -0.95 -32.97
C ALA E 109 -29.96 -0.12 -32.63
N ASP E 110 -30.52 0.59 -33.62
CA ASP E 110 -31.71 1.41 -33.42
C ASP E 110 -32.88 0.50 -33.01
N ALA E 111 -33.73 1.00 -32.12
CA ALA E 111 -34.86 0.21 -31.63
C ALA E 111 -36.06 1.11 -31.36
N ALA E 112 -37.23 0.67 -31.80
CA ALA E 112 -38.47 1.43 -31.66
C ALA E 112 -39.03 1.32 -30.26
N PRO E 113 -39.64 2.40 -29.76
CA PRO E 113 -40.20 2.31 -28.41
C PRO E 113 -41.46 1.47 -28.35
N THR E 114 -41.73 0.96 -27.15
CA THR E 114 -42.93 0.20 -26.89
C THR E 114 -43.71 1.27 -26.15
N VAL E 115 -44.81 1.70 -26.77
CA VAL E 115 -45.62 2.78 -26.25
C VAL E 115 -46.89 2.27 -25.57
N SER E 116 -47.17 2.83 -24.40
CA SER E 116 -48.34 2.45 -23.62
C SER E 116 -48.95 3.74 -23.10
N ILE E 117 -50.27 3.86 -23.23
CA ILE E 117 -50.95 5.08 -22.76
C ILE E 117 -51.86 4.71 -21.62
N PHE E 118 -52.00 5.61 -20.65
CA PHE E 118 -52.86 5.32 -19.51
C PHE E 118 -53.78 6.48 -19.15
N PRO E 119 -55.09 6.21 -19.05
CA PRO E 119 -56.04 7.25 -18.69
C PRO E 119 -55.90 7.57 -17.22
N PRO E 120 -56.42 8.72 -16.79
CA PRO E 120 -56.36 9.14 -15.38
C PRO E 120 -56.92 8.04 -14.52
N SER E 121 -56.39 7.89 -13.31
CA SER E 121 -56.93 6.89 -12.41
C SER E 121 -58.16 7.54 -11.76
N SER E 122 -59.11 6.71 -11.34
CA SER E 122 -60.31 7.24 -10.69
C SER E 122 -59.94 7.95 -9.39
N GLU E 123 -58.89 7.48 -8.72
CA GLU E 123 -58.45 8.13 -7.48
C GLU E 123 -58.05 9.56 -7.75
N GLN E 124 -57.27 9.77 -8.79
CA GLN E 124 -56.84 11.11 -9.09
C GLN E 124 -58.04 12.00 -9.45
N LEU E 125 -59.02 11.43 -10.15
CA LEU E 125 -60.18 12.24 -10.54
C LEU E 125 -60.91 12.79 -9.33
N THR E 126 -61.04 11.99 -8.28
CA THR E 126 -61.73 12.45 -7.08
C THR E 126 -61.01 13.63 -6.46
N SER E 127 -59.77 13.89 -6.87
CA SER E 127 -59.04 15.02 -6.30
C SER E 127 -59.15 16.22 -7.22
N GLY E 128 -59.84 16.07 -8.34
CA GLY E 128 -60.01 17.20 -9.25
C GLY E 128 -59.02 17.32 -10.41
N GLY E 129 -57.97 16.51 -10.39
CA GLY E 129 -56.99 16.56 -11.47
C GLY E 129 -57.08 15.33 -12.37
N ALA E 130 -56.44 15.38 -13.53
CA ALA E 130 -56.47 14.26 -14.46
C ALA E 130 -55.18 14.21 -15.24
N SER E 131 -54.34 13.21 -14.98
CA SER E 131 -53.08 13.09 -15.70
C SER E 131 -53.16 11.88 -16.61
N VAL E 132 -52.82 12.08 -17.88
CA VAL E 132 -52.81 10.99 -18.83
C VAL E 132 -51.33 10.68 -19.01
N VAL E 133 -50.98 9.43 -18.80
CA VAL E 133 -49.57 9.01 -18.87
C VAL E 133 -49.25 8.16 -20.07
N CYS E 134 -48.09 8.43 -20.65
CA CYS E 134 -47.61 7.67 -21.77
C CYS E 134 -46.17 7.23 -21.54
N PHE E 135 -45.93 5.93 -21.68
CA PHE E 135 -44.58 5.41 -21.52
C PHE E 135 -44.04 5.02 -22.90
N LEU E 136 -42.81 5.44 -23.22
CA LEU E 136 -42.15 5.11 -24.48
C LEU E 136 -40.90 4.37 -23.98
N ASN E 137 -41.03 3.06 -23.91
CA ASN E 137 -39.99 2.24 -23.34
C ASN E 137 -39.05 1.47 -24.26
N ASN E 138 -37.80 1.40 -23.81
CA ASN E 138 -36.73 0.66 -24.47
C ASN E 138 -36.52 0.94 -25.96
N PHE E 139 -36.16 2.18 -26.26
CA PHE E 139 -35.90 2.60 -27.63
C PHE E 139 -34.46 3.08 -27.72
N TYR E 140 -33.98 3.24 -28.96
CA TYR E 140 -32.62 3.72 -29.22
C TYR E 140 -32.55 4.22 -30.65
N PRO E 141 -31.86 5.35 -30.90
CA PRO E 141 -31.14 6.25 -30.01
C PRO E 141 -32.03 7.02 -29.06
N LYS E 142 -31.40 7.79 -28.19
CA LYS E 142 -32.11 8.55 -27.16
C LYS E 142 -33.07 9.61 -27.67
N ASP E 143 -32.75 10.19 -28.83
CA ASP E 143 -33.57 11.27 -29.39
C ASP E 143 -34.98 10.81 -29.72
N ILE E 144 -35.98 11.53 -29.23
CA ILE E 144 -37.35 11.15 -29.50
C ILE E 144 -38.28 12.32 -29.27
N ASN E 145 -39.41 12.32 -29.98
CA ASN E 145 -40.41 13.38 -29.87
C ASN E 145 -41.79 12.82 -29.54
N VAL E 146 -42.52 13.54 -28.70
CA VAL E 146 -43.85 13.08 -28.34
C VAL E 146 -44.83 14.23 -28.43
N LYS E 147 -45.94 13.97 -29.09
CA LYS E 147 -46.96 14.98 -29.26
C LYS E 147 -48.30 14.46 -28.73
N TRP E 148 -49.00 15.30 -27.99
CA TRP E 148 -50.29 14.90 -27.46
C TRP E 148 -51.40 15.55 -28.29
N LYS E 149 -52.49 14.81 -28.48
CA LYS E 149 -53.67 15.28 -29.20
C LYS E 149 -54.91 14.92 -28.42
N ILE E 150 -55.80 15.90 -28.24
CA ILE E 150 -57.07 15.69 -27.56
C ILE E 150 -58.13 15.88 -28.64
N ASP E 151 -59.02 14.90 -28.79
CA ASP E 151 -60.04 14.95 -29.84
C ASP E 151 -59.45 15.35 -31.18
N GLY E 152 -58.24 14.88 -31.46
CA GLY E 152 -57.60 15.19 -32.73
C GLY E 152 -56.76 16.45 -32.82
N SER E 153 -56.82 17.31 -31.80
CA SER E 153 -56.05 18.54 -31.83
C SER E 153 -54.85 18.55 -30.86
N GLU E 154 -53.70 18.95 -31.38
CA GLU E 154 -52.48 18.99 -30.58
C GLU E 154 -52.60 19.88 -29.35
N ARG E 155 -52.06 19.38 -28.25
CA ARG E 155 -52.08 20.07 -26.98
C ARG E 155 -50.66 20.06 -26.42
N GLN E 156 -50.04 21.23 -26.32
CA GLN E 156 -48.68 21.30 -25.81
C GLN E 156 -48.60 21.69 -24.35
N ASN E 157 -49.64 22.35 -23.86
CA ASN E 157 -49.67 22.82 -22.48
C ASN E 157 -50.01 21.73 -21.45
N GLY E 158 -49.28 21.73 -20.33
CA GLY E 158 -49.54 20.75 -19.29
C GLY E 158 -48.83 19.42 -19.46
N VAL E 159 -47.87 19.38 -20.38
CA VAL E 159 -47.09 18.17 -20.67
C VAL E 159 -45.70 18.19 -20.02
N LEU E 160 -45.37 17.12 -19.29
CA LEU E 160 -44.07 17.00 -18.65
C LEU E 160 -43.46 15.67 -19.11
N ASN E 161 -42.19 15.73 -19.50
CA ASN E 161 -41.46 14.60 -20.01
C ASN E 161 -40.25 14.28 -19.15
N SER E 162 -39.88 13.01 -19.10
CA SER E 162 -38.71 12.58 -18.32
C SER E 162 -38.07 11.36 -18.97
N TRP E 163 -36.75 11.41 -19.12
CA TRP E 163 -35.96 10.34 -19.73
C TRP E 163 -35.12 9.62 -18.70
N THR E 164 -35.03 8.31 -18.84
CA THR E 164 -34.18 7.52 -17.93
C THR E 164 -32.75 7.55 -18.50
N ASP E 165 -31.77 7.18 -17.68
CA ASP E 165 -30.39 7.11 -18.16
C ASP E 165 -30.40 5.79 -18.95
N GLN E 166 -29.34 5.51 -19.71
CA GLN E 166 -29.27 4.30 -20.50
C GLN E 166 -29.41 3.04 -19.63
N ASP E 167 -30.23 2.12 -20.12
CA ASP E 167 -30.48 0.88 -19.43
C ASP E 167 -29.23 0.02 -19.52
N SER E 168 -28.71 -0.43 -18.38
CA SER E 168 -27.49 -1.24 -18.42
C SER E 168 -27.72 -2.65 -18.92
N LYS E 169 -28.96 -3.10 -19.02
CA LYS E 169 -29.20 -4.46 -19.50
C LYS E 169 -29.31 -4.58 -21.03
N ASP E 170 -29.91 -3.58 -21.68
CA ASP E 170 -30.08 -3.67 -23.13
C ASP E 170 -29.66 -2.41 -23.88
N SER E 171 -29.02 -1.49 -23.15
CA SER E 171 -28.52 -0.26 -23.74
C SER E 171 -29.57 0.69 -24.34
N THR E 172 -30.84 0.44 -24.06
CA THR E 172 -31.87 1.35 -24.56
C THR E 172 -32.17 2.47 -23.57
N TYR E 173 -32.98 3.41 -24.03
CA TYR E 173 -33.47 4.54 -23.24
C TYR E 173 -35.00 4.39 -23.15
N SER E 174 -35.61 5.10 -22.22
CA SER E 174 -37.04 5.06 -22.07
C SER E 174 -37.48 6.46 -21.71
N MET E 175 -38.75 6.76 -21.90
CA MET E 175 -39.22 8.09 -21.55
C MET E 175 -40.67 8.06 -21.11
N SER E 176 -41.00 8.98 -20.20
CA SER E 176 -42.36 9.07 -19.72
C SER E 176 -42.91 10.46 -20.05
N SER E 177 -44.11 10.50 -20.60
CA SER E 177 -44.72 11.79 -20.93
C SER E 177 -46.09 11.87 -20.27
N THR E 178 -46.28 12.90 -19.47
CA THR E 178 -47.53 13.09 -18.76
C THR E 178 -48.25 14.39 -19.13
N LEU E 179 -49.50 14.26 -19.53
CA LEU E 179 -50.35 15.40 -19.88
C LEU E 179 -51.28 15.57 -18.70
N THR E 180 -51.16 16.69 -18.00
CA THR E 180 -52.04 16.90 -16.87
C THR E 180 -53.11 17.94 -17.17
N LEU E 181 -54.35 17.62 -16.81
CA LEU E 181 -55.46 18.53 -17.05
C LEU E 181 -56.35 18.52 -15.83
N THR E 182 -57.34 19.41 -15.84
CA THR E 182 -58.30 19.46 -14.75
C THR E 182 -59.30 18.33 -15.02
N LYS E 183 -59.97 17.84 -13.98
CA LYS E 183 -60.96 16.79 -14.21
C LYS E 183 -62.00 17.31 -15.22
N ASP E 184 -62.41 18.55 -15.07
CA ASP E 184 -63.44 19.08 -15.98
C ASP E 184 -62.99 19.13 -17.42
N GLU E 185 -61.80 19.62 -17.68
CA GLU E 185 -61.30 19.68 -19.05
C GLU E 185 -61.18 18.25 -19.60
N TYR E 186 -60.89 17.30 -18.71
CA TYR E 186 -60.76 15.91 -19.11
C TYR E 186 -62.10 15.30 -19.46
N GLU E 187 -63.10 15.53 -18.61
CA GLU E 187 -64.44 14.99 -18.85
C GLU E 187 -65.05 15.65 -20.08
N ARG E 188 -64.46 16.79 -20.44
CA ARG E 188 -64.92 17.58 -21.57
C ARG E 188 -64.50 17.10 -22.95
N HIS E 189 -63.65 16.08 -23.03
CA HIS E 189 -63.22 15.57 -24.33
C HIS E 189 -63.24 14.05 -24.35
N ASN E 190 -63.07 13.46 -25.52
CA ASN E 190 -63.14 12.02 -25.57
C ASN E 190 -61.92 11.22 -25.96
N SER E 191 -61.25 11.62 -27.03
CA SER E 191 -60.10 10.86 -27.47
C SER E 191 -58.80 11.52 -27.03
N TYR E 192 -57.91 10.70 -26.49
CA TYR E 192 -56.61 11.14 -26.00
C TYR E 192 -55.57 10.31 -26.71
N THR E 193 -54.62 11.02 -27.31
CA THR E 193 -53.58 10.39 -28.10
C THR E 193 -52.15 10.78 -27.75
N CYS E 194 -51.28 9.77 -27.73
CA CYS E 194 -49.86 9.92 -27.45
C CYS E 194 -49.24 9.53 -28.79
N GLU E 195 -48.46 10.43 -29.36
CA GLU E 195 -47.81 10.16 -30.65
C GLU E 195 -46.32 10.25 -30.50
N ALA E 196 -45.62 9.18 -30.85
CA ALA E 196 -44.18 9.18 -30.73
C ALA E 196 -43.48 9.18 -32.08
N THR E 197 -42.63 10.18 -32.27
CA THR E 197 -41.84 10.28 -33.49
C THR E 197 -40.38 9.95 -33.15
N HIS E 198 -39.86 8.90 -33.78
CA HIS E 198 -38.52 8.44 -33.52
C HIS E 198 -37.88 8.04 -34.84
N LYS E 199 -36.57 8.15 -34.93
CA LYS E 199 -35.91 7.81 -36.18
C LYS E 199 -36.17 6.39 -36.65
N THR E 200 -36.76 5.55 -35.80
CA THR E 200 -37.01 4.17 -36.24
C THR E 200 -38.15 4.01 -37.27
N SER E 201 -38.90 5.08 -37.53
CA SER E 201 -39.96 5.04 -38.54
C SER E 201 -40.39 6.45 -38.91
N THR E 202 -40.77 6.65 -40.15
CA THR E 202 -41.20 7.97 -40.58
C THR E 202 -42.61 8.20 -40.08
N SER E 203 -43.30 7.13 -39.73
CA SER E 203 -44.66 7.25 -39.23
C SER E 203 -44.71 7.23 -37.71
N PRO E 204 -45.43 8.20 -37.12
CA PRO E 204 -45.57 8.31 -35.67
C PRO E 204 -46.14 7.04 -35.05
N ILE E 205 -45.61 6.62 -33.89
CA ILE E 205 -46.15 5.47 -33.20
C ILE E 205 -47.26 6.13 -32.39
N VAL E 206 -48.50 5.72 -32.63
CA VAL E 206 -49.64 6.33 -31.98
C VAL E 206 -50.41 5.39 -31.06
N LYS E 207 -50.72 5.89 -29.87
CA LYS E 207 -51.47 5.13 -28.90
C LYS E 207 -52.57 6.06 -28.45
N SER E 208 -53.78 5.55 -28.34
CA SER E 208 -54.90 6.36 -27.94
C SER E 208 -55.92 5.53 -27.20
N PHE E 209 -56.88 6.22 -26.62
CA PHE E 209 -58.00 5.60 -25.94
C PHE E 209 -59.11 6.65 -25.95
N ASN E 210 -60.35 6.21 -25.72
CA ASN E 210 -61.50 7.09 -25.69
C ASN E 210 -62.01 7.06 -24.26
N ARG E 211 -62.27 8.22 -23.69
CA ARG E 211 -62.73 8.32 -22.32
C ARG E 211 -64.01 7.52 -22.02
N ASN E 212 -65.00 7.62 -22.87
CA ASN E 212 -66.24 6.89 -22.62
C ASN E 212 -66.24 5.48 -23.17
N GLU E 213 -65.23 4.70 -22.81
CA GLU E 213 -65.11 3.31 -23.24
C GLU E 213 -64.38 2.47 -22.18
N GLN F 1 -11.96 -1.39 8.25
CA GLN F 1 -11.97 -0.72 6.91
C GLN F 1 -12.08 0.81 7.04
N VAL F 2 -11.60 1.54 6.04
CA VAL F 2 -11.70 3.00 6.07
C VAL F 2 -13.13 3.38 5.71
N LYS F 3 -13.81 4.11 6.58
CA LYS F 3 -15.18 4.54 6.31
C LYS F 3 -15.38 6.03 6.60
N LEU F 4 -16.08 6.71 5.69
CA LEU F 4 -16.41 8.13 5.83
C LEU F 4 -17.92 8.17 5.82
N LEU F 5 -18.51 8.50 6.96
CA LEU F 5 -19.96 8.54 7.10
C LEU F 5 -20.53 9.95 7.20
N GLU F 6 -21.27 10.37 6.18
CA GLU F 6 -21.85 11.70 6.16
C GLU F 6 -23.25 11.79 6.68
N SER F 7 -23.59 12.97 7.19
CA SER F 7 -24.90 13.24 7.74
C SER F 7 -26.00 13.18 6.67
N GLY F 8 -27.23 13.02 7.12
CA GLY F 8 -28.38 12.90 6.25
C GLY F 8 -28.76 14.07 5.38
N PRO F 9 -29.66 13.85 4.41
CA PRO F 9 -30.09 14.93 3.49
C PRO F 9 -30.63 16.13 4.24
N GLU F 10 -30.44 17.30 3.66
CA GLU F 10 -30.89 18.54 4.29
C GLU F 10 -31.83 19.32 3.38
N LEU F 11 -32.90 19.84 3.98
CA LEU F 11 -33.84 20.69 3.24
C LEU F 11 -33.72 22.01 4.02
N VAL F 12 -33.17 23.04 3.39
CA VAL F 12 -33.00 24.33 4.09
C VAL F 12 -33.48 25.54 3.29
N LYS F 13 -34.13 26.47 3.99
CA LYS F 13 -34.63 27.68 3.35
C LYS F 13 -33.50 28.54 2.81
N PRO F 14 -33.74 29.21 1.67
CA PRO F 14 -32.69 30.06 1.09
C PRO F 14 -32.31 31.17 2.07
N GLY F 15 -31.05 31.59 2.02
CA GLY F 15 -30.60 32.63 2.93
C GLY F 15 -30.09 32.06 4.23
N ALA F 16 -30.53 30.86 4.60
CA ALA F 16 -30.06 30.26 5.85
C ALA F 16 -28.70 29.62 5.61
N SER F 17 -28.18 28.92 6.61
CA SER F 17 -26.89 28.25 6.46
C SER F 17 -27.08 26.79 6.88
N VAL F 18 -26.14 25.93 6.51
CA VAL F 18 -26.23 24.53 6.88
C VAL F 18 -24.86 23.94 7.21
N LYS F 19 -24.83 23.01 8.15
CA LYS F 19 -23.58 22.39 8.53
C LYS F 19 -23.75 20.87 8.49
N MET F 20 -22.88 20.21 7.76
CA MET F 20 -22.94 18.76 7.64
C MET F 20 -21.65 18.15 8.21
N SER F 21 -21.72 16.87 8.57
CA SER F 21 -20.58 16.17 9.14
C SER F 21 -20.07 15.01 8.29
N CYS F 22 -18.89 14.54 8.64
CA CYS F 22 -18.22 13.45 7.96
C CYS F 22 -17.40 12.76 9.03
N LYS F 23 -17.94 11.66 9.55
CA LYS F 23 -17.29 10.86 10.58
C LYS F 23 -16.35 9.83 9.94
N ALA F 24 -15.07 9.93 10.28
CA ALA F 24 -14.06 9.04 9.74
C ALA F 24 -13.75 7.93 10.72
N SER F 25 -13.40 6.75 10.20
CA SER F 25 -13.04 5.62 11.02
C SER F 25 -12.24 4.67 10.15
N GLY F 26 -11.35 3.87 10.76
CA GLY F 26 -10.54 2.93 10.00
C GLY F 26 -9.12 3.39 9.73
N TYR F 27 -8.78 4.58 10.19
CA TYR F 27 -7.43 5.10 10.00
C TYR F 27 -7.24 6.27 10.98
N THR F 28 -6.01 6.74 11.11
CA THR F 28 -5.73 7.83 12.03
C THR F 28 -6.18 9.14 11.42
N PHE F 29 -7.33 9.61 11.89
CA PHE F 29 -7.96 10.83 11.41
C PHE F 29 -7.04 12.02 11.12
N THR F 30 -6.16 12.35 12.06
CA THR F 30 -5.28 13.51 11.92
C THR F 30 -4.13 13.30 10.93
N SER F 31 -3.98 12.08 10.44
CA SER F 31 -2.93 11.71 9.51
C SER F 31 -3.24 11.89 8.01
N TYR F 32 -4.43 12.42 7.71
CA TYR F 32 -4.86 12.61 6.32
C TYR F 32 -5.75 13.83 6.24
N VAL F 33 -5.53 14.69 5.23
CA VAL F 33 -6.38 15.87 5.12
C VAL F 33 -7.72 15.41 4.58
N MET F 34 -8.76 16.19 4.85
CA MET F 34 -10.10 15.85 4.38
C MET F 34 -10.57 16.87 3.36
N HIS F 35 -10.85 16.38 2.15
CA HIS F 35 -11.33 17.24 1.06
C HIS F 35 -12.87 17.21 0.99
N TRP F 36 -13.43 18.22 0.35
CA TRP F 36 -14.87 18.29 0.14
C TRP F 36 -15.11 18.58 -1.33
N VAL F 37 -16.18 18.00 -1.85
CA VAL F 37 -16.54 18.11 -3.25
C VAL F 37 -18.04 18.33 -3.41
N LYS F 38 -18.39 19.17 -4.38
CA LYS F 38 -19.77 19.50 -4.66
C LYS F 38 -20.16 18.92 -6.01
N GLN F 39 -21.41 18.48 -6.13
CA GLN F 39 -21.91 17.95 -7.39
C GLN F 39 -23.40 18.20 -7.49
N LYS F 40 -23.77 19.13 -8.38
CA LYS F 40 -25.17 19.45 -8.61
C LYS F 40 -25.73 18.26 -9.36
N PRO F 41 -27.01 17.93 -9.14
CA PRO F 41 -27.59 16.79 -9.84
C PRO F 41 -27.43 16.90 -11.34
N GLY F 42 -26.99 15.82 -11.96
CA GLY F 42 -26.80 15.79 -13.40
C GLY F 42 -25.55 16.52 -13.87
N GLN F 43 -24.81 17.10 -12.94
CA GLN F 43 -23.61 17.85 -13.30
C GLN F 43 -22.25 17.30 -12.80
N GLY F 44 -21.18 18.07 -12.98
CA GLY F 44 -19.87 17.59 -12.58
C GLY F 44 -19.44 17.73 -11.12
N LEU F 45 -18.24 17.24 -10.86
CA LEU F 45 -17.64 17.29 -9.54
C LEU F 45 -16.91 18.63 -9.44
N GLU F 46 -16.97 19.28 -8.29
CA GLU F 46 -16.28 20.55 -8.11
C GLU F 46 -15.57 20.52 -6.76
N TRP F 47 -14.24 20.65 -6.78
CA TRP F 47 -13.43 20.64 -5.57
C TRP F 47 -13.67 21.92 -4.76
N ILE F 48 -14.10 21.77 -3.52
CA ILE F 48 -14.37 22.90 -2.64
C ILE F 48 -13.15 23.37 -1.81
N GLY F 49 -12.35 22.43 -1.35
CA GLY F 49 -11.20 22.74 -0.52
C GLY F 49 -10.95 21.59 0.45
N TYR F 50 -10.07 21.79 1.43
CA TYR F 50 -9.80 20.72 2.38
C TYR F 50 -9.36 21.25 3.73
N ILE F 51 -9.17 20.33 4.66
CA ILE F 51 -8.71 20.70 5.98
C ILE F 51 -7.81 19.62 6.52
N ASN F 52 -6.72 20.06 7.14
CA ASN F 52 -5.77 19.15 7.74
C ASN F 52 -6.27 19.02 9.16
N PRO F 53 -6.73 17.83 9.55
CA PRO F 53 -7.21 17.72 10.93
C PRO F 53 -6.06 17.85 11.94
N TYR F 54 -4.83 17.68 11.46
CA TYR F 54 -3.65 17.77 12.32
C TYR F 54 -3.45 19.15 12.93
N ASN F 55 -3.45 20.19 12.11
CA ASN F 55 -3.24 21.56 12.59
C ASN F 55 -4.43 22.47 12.27
N ASP F 56 -5.46 21.91 11.67
CA ASP F 56 -6.66 22.65 11.31
C ASP F 56 -6.41 23.67 10.22
N GLY F 57 -5.37 23.45 9.44
CA GLY F 57 -5.09 24.37 8.35
C GLY F 57 -6.08 24.13 7.23
N THR F 58 -6.51 25.18 6.55
CA THR F 58 -7.47 25.02 5.46
C THR F 58 -7.03 25.68 4.15
N LYS F 59 -7.46 25.07 3.05
CA LYS F 59 -7.18 25.55 1.71
C LYS F 59 -8.56 25.54 1.05
N TYR F 60 -8.83 26.54 0.23
CA TYR F 60 -10.14 26.65 -0.40
C TYR F 60 -10.10 26.97 -1.86
N ASN F 61 -11.14 26.54 -2.55
CA ASN F 61 -11.29 26.86 -3.96
C ASN F 61 -11.66 28.33 -3.76
N GLU F 62 -11.02 29.23 -4.51
CA GLU F 62 -11.30 30.65 -4.36
C GLU F 62 -12.81 30.91 -4.36
N LYS F 63 -13.50 30.27 -5.30
CA LYS F 63 -14.94 30.43 -5.43
C LYS F 63 -15.75 30.20 -4.16
N PHE F 64 -15.30 29.28 -3.30
CA PHE F 64 -16.04 28.97 -2.07
C PHE F 64 -15.63 29.77 -0.85
N LYS F 65 -14.57 30.57 -0.97
CA LYS F 65 -14.14 31.38 0.16
C LYS F 65 -15.32 32.29 0.41
N GLY F 66 -15.79 32.32 1.66
CA GLY F 66 -16.94 33.16 1.96
C GLY F 66 -18.25 32.41 1.95
N LYS F 67 -18.24 31.19 1.40
CA LYS F 67 -19.44 30.36 1.32
C LYS F 67 -19.28 29.13 2.21
N ALA F 68 -18.20 28.39 2.00
CA ALA F 68 -17.95 27.20 2.80
C ALA F 68 -16.93 27.40 3.92
N THR F 69 -17.15 26.74 5.04
CA THR F 69 -16.24 26.83 6.17
C THR F 69 -16.00 25.42 6.69
N LEU F 70 -14.78 24.93 6.47
CA LEU F 70 -14.37 23.61 6.90
C LEU F 70 -13.77 23.60 8.30
N THR F 71 -14.17 22.63 9.11
CA THR F 71 -13.66 22.49 10.47
C THR F 71 -13.51 21.02 10.82
N SER F 72 -12.99 20.74 12.03
CA SER F 72 -12.82 19.37 12.47
C SER F 72 -12.58 19.22 13.96
N ASP F 73 -13.18 18.18 14.51
CA ASP F 73 -13.07 17.85 15.91
C ASP F 73 -12.24 16.58 15.93
N LYS F 74 -11.00 16.69 16.38
CA LYS F 74 -10.10 15.54 16.43
C LYS F 74 -10.59 14.45 17.36
N SER F 75 -11.20 14.84 18.48
CA SER F 75 -11.67 13.82 19.43
C SER F 75 -12.70 12.87 18.83
N SER F 76 -13.66 13.39 18.05
CA SER F 76 -14.68 12.54 17.45
C SER F 76 -14.34 12.14 16.02
N SER F 77 -13.12 12.44 15.60
CA SER F 77 -12.65 12.12 14.25
C SER F 77 -13.72 12.50 13.22
N THR F 78 -14.30 13.69 13.42
CA THR F 78 -15.36 14.19 12.54
C THR F 78 -15.00 15.53 11.88
N ALA F 79 -15.12 15.57 10.55
CA ALA F 79 -14.86 16.79 9.82
C ALA F 79 -16.23 17.41 9.50
N TYR F 80 -16.26 18.73 9.39
CA TYR F 80 -17.51 19.43 9.11
C TYR F 80 -17.36 20.47 8.03
N MET F 81 -18.47 20.76 7.38
CA MET F 81 -18.51 21.82 6.39
C MET F 81 -19.79 22.59 6.57
N GLU F 82 -19.67 23.90 6.74
CA GLU F 82 -20.83 24.75 6.88
C GLU F 82 -20.95 25.63 5.66
N LEU F 83 -22.19 25.82 5.19
CA LEU F 83 -22.44 26.65 4.01
C LEU F 83 -23.37 27.80 4.44
N SER F 84 -23.00 29.02 4.06
CA SER F 84 -23.78 30.18 4.45
C SER F 84 -24.60 30.79 3.33
N SER F 85 -25.52 31.67 3.72
CA SER F 85 -26.41 32.39 2.81
C SER F 85 -26.79 31.54 1.61
N LEU F 86 -27.44 30.42 1.89
CA LEU F 86 -27.81 29.50 0.83
C LEU F 86 -28.79 30.02 -0.20
N THR F 87 -28.51 29.68 -1.45
CA THR F 87 -29.37 30.03 -2.59
C THR F 87 -29.58 28.67 -3.29
N SER F 88 -30.47 28.62 -4.29
CA SER F 88 -30.71 27.36 -4.99
C SER F 88 -29.49 26.89 -5.75
N GLU F 89 -28.48 27.75 -5.87
CA GLU F 89 -27.24 27.39 -6.57
C GLU F 89 -26.40 26.47 -5.66
N ASP F 90 -26.72 26.46 -4.37
CA ASP F 90 -26.03 25.60 -3.40
C ASP F 90 -26.67 24.20 -3.28
N SER F 91 -27.86 24.01 -3.90
CA SER F 91 -28.53 22.71 -3.88
C SER F 91 -27.65 21.72 -4.60
N ALA F 92 -27.18 20.70 -3.89
CA ALA F 92 -26.32 19.72 -4.50
C ALA F 92 -26.00 18.60 -3.53
N VAL F 93 -25.28 17.63 -4.04
CA VAL F 93 -24.80 16.57 -3.18
C VAL F 93 -23.39 17.05 -2.77
N TYR F 94 -23.04 16.89 -1.50
CA TYR F 94 -21.72 17.28 -1.03
C TYR F 94 -20.99 16.06 -0.46
N TYR F 95 -19.76 15.81 -0.94
CA TYR F 95 -18.94 14.68 -0.48
C TYR F 95 -17.71 15.12 0.31
N CYS F 96 -17.32 14.30 1.27
CA CYS F 96 -16.06 14.54 1.96
C CYS F 96 -15.24 13.40 1.35
N VAL F 97 -13.97 13.64 1.11
CA VAL F 97 -13.10 12.64 0.50
C VAL F 97 -11.71 12.74 1.13
N ARG F 98 -11.14 11.60 1.50
CA ARG F 98 -9.82 11.60 2.12
C ARG F 98 -8.70 11.77 1.08
N GLY F 99 -7.69 12.58 1.41
CA GLY F 99 -6.58 12.73 0.48
C GLY F 99 -5.61 11.58 0.75
N GLY F 100 -5.72 10.50 -0.04
CA GLY F 100 -4.88 9.33 0.19
C GLY F 100 -3.71 9.00 -0.73
N TYR F 101 -3.26 7.76 -0.64
CA TYR F 101 -2.11 7.29 -1.42
C TYR F 101 -0.87 8.18 -1.22
N ARG F 102 -0.49 8.38 0.05
CA ARG F 102 0.70 9.20 0.36
C ARG F 102 1.87 8.63 -0.44
N PRO F 103 2.78 9.48 -0.92
CA PRO F 103 2.85 10.94 -0.79
C PRO F 103 2.37 11.63 -2.07
N TYR F 104 1.47 10.97 -2.81
CA TYR F 104 0.94 11.52 -4.05
C TYR F 104 -0.32 12.33 -3.78
N TYR F 105 -1.07 11.92 -2.77
CA TYR F 105 -2.27 12.62 -2.34
C TYR F 105 -3.41 12.79 -3.34
N ALA F 106 -3.99 11.66 -3.73
CA ALA F 106 -5.12 11.65 -4.62
C ALA F 106 -6.26 11.25 -3.70
N MET F 107 -7.46 11.74 -3.99
CA MET F 107 -8.63 11.44 -3.18
C MET F 107 -9.04 9.99 -3.36
N ASP F 108 -8.94 9.20 -2.30
CA ASP F 108 -9.24 7.78 -2.42
C ASP F 108 -10.56 7.27 -1.80
N TYR F 109 -10.79 7.57 -0.54
CA TYR F 109 -12.02 7.13 0.12
C TYR F 109 -13.06 8.25 0.19
N TRP F 110 -14.19 8.03 -0.47
CA TRP F 110 -15.28 9.01 -0.50
C TRP F 110 -16.44 8.65 0.42
N GLY F 111 -17.00 9.66 1.08
CA GLY F 111 -18.17 9.42 1.89
C GLY F 111 -19.30 9.20 0.88
N GLN F 112 -20.49 8.87 1.37
CA GLN F 112 -21.63 8.61 0.49
C GLN F 112 -22.24 9.92 0.01
N GLY F 113 -21.90 11.03 0.66
CA GLY F 113 -22.42 12.33 0.28
C GLY F 113 -23.67 12.78 1.04
N THR F 114 -23.82 14.10 1.18
CA THR F 114 -24.95 14.70 1.86
C THR F 114 -25.70 15.56 0.85
N SER F 115 -26.96 15.25 0.64
CA SER F 115 -27.80 16.00 -0.30
C SER F 115 -28.41 17.22 0.38
N VAL F 116 -28.22 18.38 -0.24
CA VAL F 116 -28.75 19.60 0.30
C VAL F 116 -29.68 20.20 -0.72
N THR F 117 -30.88 20.51 -0.27
CA THR F 117 -31.89 21.13 -1.11
C THR F 117 -32.20 22.47 -0.44
N VAL F 118 -31.95 23.56 -1.15
CA VAL F 118 -32.21 24.88 -0.60
C VAL F 118 -33.50 25.35 -1.27
N SER F 119 -34.56 25.49 -0.49
CA SER F 119 -35.81 25.88 -1.07
C SER F 119 -36.79 26.29 -0.02
N SER F 120 -37.75 27.11 -0.43
CA SER F 120 -38.80 27.58 0.45
C SER F 120 -39.94 26.57 0.41
N ALA F 121 -39.97 25.77 -0.67
CA ALA F 121 -40.99 24.74 -0.83
C ALA F 121 -41.10 23.87 0.41
N LYS F 122 -42.32 23.58 0.83
CA LYS F 122 -42.56 22.77 2.02
C LYS F 122 -42.57 21.25 1.76
N THR F 123 -42.17 20.48 2.76
CA THR F 123 -42.15 19.03 2.64
C THR F 123 -43.57 18.50 2.38
N THR F 124 -43.75 17.89 1.21
CA THR F 124 -45.05 17.37 0.79
C THR F 124 -45.03 15.87 0.44
N PRO F 125 -45.91 15.08 1.08
CA PRO F 125 -45.96 13.63 0.79
C PRO F 125 -46.57 13.47 -0.61
N PRO F 126 -46.27 12.36 -1.30
CA PRO F 126 -46.86 12.24 -2.64
C PRO F 126 -48.26 11.68 -2.69
N SER F 127 -48.95 11.93 -3.79
CA SER F 127 -50.26 11.33 -4.03
C SER F 127 -49.85 10.14 -4.92
N VAL F 128 -50.31 8.93 -4.62
CA VAL F 128 -49.92 7.79 -5.42
C VAL F 128 -51.09 7.26 -6.22
N TYR F 129 -50.96 7.26 -7.54
CA TYR F 129 -52.05 6.80 -8.41
C TYR F 129 -51.69 5.56 -9.22
N PRO F 130 -52.56 4.52 -9.16
CA PRO F 130 -52.33 3.29 -9.92
C PRO F 130 -52.69 3.54 -11.38
N LEU F 131 -51.91 2.98 -12.29
CA LEU F 131 -52.11 3.12 -13.72
C LEU F 131 -52.35 1.75 -14.35
N ALA F 132 -53.61 1.42 -14.58
CA ALA F 132 -54.02 0.15 -15.20
C ALA F 132 -54.41 0.50 -16.65
N PRO F 133 -54.25 -0.44 -17.60
CA PRO F 133 -54.58 -0.23 -19.02
C PRO F 133 -55.99 0.30 -19.22
N SER F 141 -48.17 -9.97 -25.86
CA SER F 141 -47.90 -11.02 -24.89
C SER F 141 -47.50 -10.46 -23.51
N MET F 142 -47.11 -9.19 -23.48
CA MET F 142 -46.71 -8.50 -22.24
C MET F 142 -47.67 -7.36 -21.91
N VAL F 143 -47.88 -7.11 -20.62
CA VAL F 143 -48.71 -5.99 -20.24
C VAL F 143 -47.86 -5.04 -19.38
N THR F 144 -48.03 -3.74 -19.63
CA THR F 144 -47.31 -2.74 -18.86
C THR F 144 -48.32 -2.08 -17.93
N LEU F 145 -47.91 -1.92 -16.67
CA LEU F 145 -48.73 -1.28 -15.62
C LEU F 145 -47.87 -0.13 -15.13
N GLY F 146 -48.45 0.78 -14.36
CA GLY F 146 -47.68 1.92 -13.88
C GLY F 146 -48.20 2.47 -12.57
N CYS F 147 -47.48 3.45 -12.03
CA CYS F 147 -47.87 4.08 -10.78
C CYS F 147 -47.41 5.55 -10.97
N LEU F 148 -48.31 6.49 -10.70
CA LEU F 148 -48.00 7.92 -10.86
C LEU F 148 -47.73 8.44 -9.48
N VAL F 149 -46.55 9.01 -9.24
CA VAL F 149 -46.22 9.51 -7.90
C VAL F 149 -46.20 11.02 -8.05
N LYS F 150 -47.28 11.64 -7.60
CA LYS F 150 -47.44 13.05 -7.86
C LYS F 150 -47.42 14.08 -6.74
N GLY F 151 -46.70 15.16 -7.00
CA GLY F 151 -46.64 16.28 -6.08
C GLY F 151 -46.03 16.10 -4.71
N TYR F 152 -44.79 15.66 -4.66
CA TYR F 152 -44.11 15.49 -3.38
C TYR F 152 -42.90 16.43 -3.35
N PHE F 153 -42.35 16.62 -2.17
CA PHE F 153 -41.18 17.49 -1.99
C PHE F 153 -40.60 17.18 -0.61
N PRO F 154 -39.27 17.10 -0.50
CA PRO F 154 -38.24 17.23 -1.53
C PRO F 154 -37.99 15.80 -2.05
N GLU F 155 -36.96 15.63 -2.86
CA GLU F 155 -36.56 14.32 -3.36
C GLU F 155 -35.88 13.64 -2.19
N PRO F 156 -35.80 12.30 -2.23
CA PRO F 156 -36.31 11.45 -3.30
C PRO F 156 -37.48 10.59 -2.80
N VAL F 157 -38.01 9.77 -3.70
CA VAL F 157 -39.02 8.77 -3.31
C VAL F 157 -38.43 7.48 -3.89
N THR F 158 -38.76 6.34 -3.31
CA THR F 158 -38.30 5.07 -3.86
C THR F 158 -39.58 4.30 -4.24
N VAL F 159 -39.51 3.60 -5.36
CA VAL F 159 -40.66 2.84 -5.83
C VAL F 159 -40.23 1.41 -6.04
N THR F 160 -40.99 0.47 -5.50
CA THR F 160 -40.71 -0.95 -5.71
C THR F 160 -42.05 -1.57 -6.16
N TRP F 161 -41.99 -2.79 -6.69
CA TRP F 161 -43.15 -3.50 -7.16
C TRP F 161 -43.19 -4.84 -6.48
N ASN F 162 -44.34 -5.16 -5.88
CA ASN F 162 -44.52 -6.39 -5.12
C ASN F 162 -43.37 -6.55 -4.13
N SER F 163 -43.07 -5.43 -3.46
CA SER F 163 -42.02 -5.38 -2.44
C SER F 163 -40.72 -6.02 -2.89
N GLY F 164 -40.34 -5.82 -4.15
CA GLY F 164 -39.10 -6.38 -4.65
C GLY F 164 -39.20 -7.67 -5.44
N SER F 165 -40.33 -8.36 -5.35
CA SER F 165 -40.52 -9.60 -6.09
C SER F 165 -40.57 -9.37 -7.59
N LEU F 166 -41.00 -8.17 -7.99
CA LEU F 166 -41.03 -7.81 -9.39
C LEU F 166 -39.90 -6.84 -9.53
N SER F 167 -38.78 -7.30 -10.09
CA SER F 167 -37.62 -6.44 -10.23
C SER F 167 -37.19 -6.12 -11.66
N SER F 168 -37.35 -7.06 -12.59
CA SER F 168 -36.97 -6.79 -13.96
C SER F 168 -38.16 -6.17 -14.71
N GLY F 169 -37.86 -5.48 -15.81
CA GLY F 169 -38.93 -4.86 -16.60
C GLY F 169 -39.50 -3.62 -15.94
N VAL F 170 -38.74 -3.05 -15.01
CA VAL F 170 -39.18 -1.87 -14.29
C VAL F 170 -38.45 -0.63 -14.79
N HIS F 171 -39.18 0.45 -14.98
CA HIS F 171 -38.58 1.71 -15.36
C HIS F 171 -39.13 2.75 -14.40
N THR F 172 -38.26 3.32 -13.59
CA THR F 172 -38.69 4.39 -12.70
C THR F 172 -38.03 5.63 -13.26
N PHE F 173 -38.86 6.57 -13.71
CA PHE F 173 -38.38 7.78 -14.34
C PHE F 173 -37.96 8.88 -13.41
N PRO F 174 -36.91 9.64 -13.78
CA PRO F 174 -36.40 10.76 -12.96
C PRO F 174 -37.55 11.71 -12.68
N ALA F 175 -37.60 12.28 -11.49
CA ALA F 175 -38.67 13.19 -11.14
C ALA F 175 -38.54 14.51 -11.88
N VAL F 176 -39.68 15.12 -12.21
CA VAL F 176 -39.66 16.42 -12.87
C VAL F 176 -40.37 17.38 -11.93
N LEU F 177 -39.81 18.58 -11.79
CA LEU F 177 -40.40 19.57 -10.90
C LEU F 177 -41.56 20.24 -11.63
N GLN F 178 -42.76 20.00 -11.12
CA GLN F 178 -43.98 20.54 -11.71
C GLN F 178 -44.64 21.49 -10.72
N SER F 179 -44.28 22.76 -10.83
CA SER F 179 -44.85 23.82 -10.00
C SER F 179 -44.48 23.68 -8.54
N ASP F 180 -43.18 23.74 -8.26
CA ASP F 180 -42.70 23.65 -6.90
C ASP F 180 -42.91 22.25 -6.27
N LEU F 181 -43.18 21.25 -7.12
CA LEU F 181 -43.37 19.90 -6.60
C LEU F 181 -42.82 18.90 -7.58
N TYR F 182 -42.45 17.75 -7.06
CA TYR F 182 -41.92 16.70 -7.91
C TYR F 182 -42.99 15.73 -8.33
N THR F 183 -42.86 15.24 -9.57
CA THR F 183 -43.77 14.24 -10.08
C THR F 183 -42.93 13.18 -10.76
N LEU F 184 -43.24 11.92 -10.46
CA LEU F 184 -42.51 10.83 -11.03
C LEU F 184 -43.47 9.71 -11.39
N SER F 185 -43.06 8.88 -12.32
CA SER F 185 -43.85 7.74 -12.70
C SER F 185 -42.92 6.53 -12.77
N SER F 186 -43.50 5.34 -12.67
CA SER F 186 -42.73 4.10 -12.76
C SER F 186 -43.59 3.09 -13.52
N SER F 187 -43.01 2.38 -14.47
CA SER F 187 -43.76 1.36 -15.20
C SER F 187 -43.16 -0.01 -14.92
N VAL F 188 -43.99 -1.04 -14.99
CA VAL F 188 -43.54 -2.41 -14.84
C VAL F 188 -44.26 -3.22 -15.93
N THR F 189 -43.49 -4.08 -16.60
CA THR F 189 -44.04 -4.89 -17.68
C THR F 189 -43.94 -6.35 -17.26
N VAL F 190 -45.07 -7.05 -17.29
CA VAL F 190 -45.12 -8.45 -16.89
C VAL F 190 -45.78 -9.32 -17.94
N PRO F 191 -45.57 -10.64 -17.84
CA PRO F 191 -46.20 -11.51 -18.83
C PRO F 191 -47.72 -11.30 -18.78
N SER F 192 -48.33 -11.13 -19.94
CA SER F 192 -49.77 -10.91 -20.02
C SER F 192 -50.59 -11.94 -19.22
N SER F 193 -50.16 -13.20 -19.23
CA SER F 193 -50.87 -14.25 -18.50
C SER F 193 -50.79 -14.15 -16.98
N THR F 194 -49.95 -13.26 -16.47
CA THR F 194 -49.81 -13.16 -15.02
C THR F 194 -50.65 -12.08 -14.33
N TRP F 195 -51.22 -11.18 -15.11
CA TRP F 195 -52.02 -10.11 -14.53
C TRP F 195 -53.31 -9.99 -15.32
N PRO F 196 -54.44 -9.75 -14.65
CA PRO F 196 -54.61 -9.59 -13.19
C PRO F 196 -54.67 -10.81 -12.29
N SER F 197 -54.44 -12.03 -12.80
CA SER F 197 -54.54 -13.21 -11.92
C SER F 197 -53.58 -13.12 -10.74
N GLU F 198 -52.37 -12.64 -11.00
CA GLU F 198 -51.40 -12.46 -9.94
C GLU F 198 -51.43 -10.95 -9.67
N THR F 199 -51.63 -10.57 -8.42
CA THR F 199 -51.71 -9.15 -8.11
C THR F 199 -50.37 -8.42 -8.21
N VAL F 200 -50.46 -7.16 -8.62
CA VAL F 200 -49.31 -6.28 -8.74
C VAL F 200 -49.62 -5.02 -7.91
N THR F 201 -48.63 -4.63 -7.10
CA THR F 201 -48.73 -3.49 -6.18
C THR F 201 -47.48 -2.61 -6.21
N CYS F 202 -47.63 -1.29 -6.32
CA CYS F 202 -46.45 -0.43 -6.25
C CYS F 202 -46.32 0.00 -4.80
N ASN F 203 -45.09 0.06 -4.32
CA ASN F 203 -44.80 0.42 -2.94
C ASN F 203 -43.99 1.70 -3.09
N VAL F 204 -44.54 2.80 -2.62
CA VAL F 204 -43.85 4.09 -2.74
C VAL F 204 -43.43 4.57 -1.34
N ALA F 205 -42.15 4.93 -1.19
CA ALA F 205 -41.67 5.46 0.09
C ALA F 205 -41.15 6.88 -0.14
N HIS F 206 -41.49 7.79 0.77
CA HIS F 206 -41.01 9.18 0.71
C HIS F 206 -40.46 9.43 2.12
N PRO F 207 -39.18 9.12 2.33
CA PRO F 207 -38.49 9.28 3.62
C PRO F 207 -38.60 10.66 4.24
N ALA F 208 -38.57 11.73 3.45
CA ALA F 208 -38.65 13.07 4.04
C ALA F 208 -39.97 13.33 4.77
N SER F 209 -41.08 12.77 4.25
CA SER F 209 -42.37 12.96 4.91
C SER F 209 -42.71 11.72 5.78
N SER F 210 -41.79 10.77 5.89
CA SER F 210 -41.98 9.57 6.70
C SER F 210 -43.24 8.77 6.29
N THR F 211 -43.44 8.69 4.99
CA THR F 211 -44.61 8.06 4.40
C THR F 211 -44.29 6.88 3.49
N LYS F 212 -45.10 5.84 3.62
CA LYS F 212 -45.03 4.64 2.77
C LYS F 212 -46.50 4.39 2.35
N VAL F 213 -46.70 4.21 1.05
CA VAL F 213 -48.02 3.97 0.45
C VAL F 213 -47.92 2.75 -0.47
N ASP F 214 -48.86 1.83 -0.32
CA ASP F 214 -48.97 0.65 -1.19
C ASP F 214 -50.29 0.79 -1.97
N LYS F 215 -50.23 0.68 -3.29
CA LYS F 215 -51.39 0.76 -4.15
C LYS F 215 -51.42 -0.48 -5.05
N LYS F 216 -52.44 -1.32 -4.89
CA LYS F 216 -52.58 -2.49 -5.74
C LYS F 216 -53.04 -1.98 -7.11
N ILE F 217 -52.58 -2.58 -8.20
CA ILE F 217 -53.05 -2.13 -9.50
C ILE F 217 -54.31 -2.96 -9.81
N VAL F 218 -55.46 -2.31 -9.76
CA VAL F 218 -56.76 -2.93 -10.00
C VAL F 218 -57.25 -2.73 -11.46
N PRO F 219 -57.64 -3.81 -12.13
CA PRO F 219 -58.13 -3.63 -13.51
C PRO F 219 -59.36 -2.73 -13.52
N ARG F 220 -59.45 -1.83 -14.50
CA ARG F 220 -60.55 -0.88 -14.57
C ARG F 220 -61.94 -1.48 -14.82
S SO4 G . -61.32 23.17 -24.29
O1 SO4 G . -60.41 23.29 -23.13
O2 SO4 G . -62.00 24.47 -24.46
O3 SO4 G . -60.57 22.85 -25.52
O4 SO4 G . -62.31 22.11 -24.00
#